data_9FTN
#
_entry.id   9FTN
#
_cell.length_a   53.935
_cell.length_b   63.558
_cell.length_c   70.599
_cell.angle_alpha   98.991
_cell.angle_beta   105.207
_cell.angle_gamma   99.647
#
_symmetry.space_group_name_H-M   'P 1'
#
loop_
_entity.id
_entity.type
_entity.pdbx_description
1 polymer 'Isoform 2 of Ectonucleotide pyrophosphatase/phosphodiesterase family member 2'
2 branched alpha-D-mannopyranose-(1-3)-[alpha-D-mannopyranose-(1-6)]beta-D-mannopyranose-(1-4)-2-acetamido-2-deoxy-beta-D-glucopyranose-(1-4)-2-acetamido-2-deoxy-beta-D-glucopyranose
3 non-polymer 'ZINC ION'
4 non-polymer 'CALCIUM ION'
5 non-polymer 'IODIDE ION'
6 non-polymer 3-(3-((4-(4-fluorophenyl)thiazol-2-yl)(methyl)amino)-6-(1-(methylsulfonyl)piperidin-4-yl)imidazo[1,2-b]pyridazin-2-yl)-N-(2-oxo-2,3-dihydrobenzo[d]oxazol-6-yl)propenamide
7 non-polymer 'THIOCYANATE ION'
8 water water
#
_entity_poly.entity_id   1
_entity_poly.type   'polypeptide(L)'
_entity_poly.pdbx_seq_one_letter_code
;GSCKGRCFELQEVGPPDCRCDNLCKSYSSCCHDFDELCLKTARGWECTKDRCGEVRNEENACHCSEDCLSRGDCCTNYQV
VCKGESHWVDDDCEEIKVPECPAGFVRPPLIIFSVDGFRASYMKKGSKVMPNIEKLRSCGTHAPYMRPVYPTKTFPNLYT
LATGLYPESHGIVGNSMYDPVFDASFHLRGREKFNHRWWGGQPLWITATKQGVRAGTFFWSVSIPHERRILTILQWLSLP
DNERPSVYAFYSEQPDFSGHKYGPFGPEMTNPLREIDKTVGQLMDGLKQLRLHRCVNVIFVGDHGMEDVTCDRTEFLSNY
LTNVDDITLVPGTLGRIRAKSINNSKYDPKTIIAALTCKKPDQHFKPYMKQHLPKRLHYANNRRIEDIHLLVDRRWHVAR
KPLDVYKKPSGKCFFQGDHGFDNKVNSMQTVFVGYGPTFKYRTKVPPFENIELYNVMCDLLGLKPAPNNGTHGSLNHLLR
TNTFRPTMPDEVSRPNYPGIMYLQSEFDLGCTCDDKVEPKNKLEELNKRLHTKGSTKERHLLYGRPAVLYRTSYDILYHT
DFESGYSEIFLMPLWTSYTISKQAEVSSIPEHLTNCVRPDVRVSPGFSQNCLAYKNDKQMSYGFLFPPYLSSSPEAKYDA
FLVTNMVPMYPAFKRVWAYFQRVLVKKYASERNGVNVISGPIFDYNYDGLRDTEDEIKQYVEGSSIPVPTHYYSIITSCL
DFTQPADKCDGPLSVSSFILPHRPDNDESCNSSEDESKWVEELMKMHTARVRDIEHLTGLDFYRKTSRSYSEILTLKTYL
HTYESEI
;
_entity_poly.pdbx_strand_id   A
#
# COMPACT_ATOMS: atom_id res chain seq x y z
N GLY A 1 25.95 -37.33 13.76
CA GLY A 1 24.84 -36.90 12.92
C GLY A 1 23.50 -36.95 13.64
N SER A 2 23.41 -36.21 14.75
CA SER A 2 22.24 -36.21 15.62
C SER A 2 21.78 -34.79 15.93
N CYS A 3 20.52 -34.66 16.37
CA CYS A 3 19.98 -33.38 16.80
C CYS A 3 19.95 -33.23 18.32
N LYS A 4 20.56 -34.19 19.03
CA LYS A 4 20.73 -34.06 20.47
C LYS A 4 21.40 -32.73 20.78
N GLY A 5 20.64 -31.83 21.41
CA GLY A 5 21.12 -30.49 21.72
C GLY A 5 21.45 -29.65 20.50
N ARG A 6 20.73 -29.86 19.40
CA ARG A 6 20.83 -29.02 18.22
C ARG A 6 19.47 -28.60 17.66
N CYS A 7 18.38 -28.97 18.32
CA CYS A 7 17.04 -28.72 17.82
C CYS A 7 16.79 -27.23 17.67
N PHE A 8 16.56 -26.80 16.42
CA PHE A 8 16.33 -25.40 16.09
C PHE A 8 17.55 -24.55 16.42
N GLU A 9 18.72 -25.02 16.00
CA GLU A 9 19.96 -24.26 16.17
C GLU A 9 20.01 -23.16 15.12
N LEU A 10 20.35 -21.95 15.56
CA LEU A 10 20.38 -20.78 14.70
C LEU A 10 21.42 -20.91 13.60
N GLN A 11 22.67 -21.20 14.00
CA GLN A 11 23.77 -21.35 13.07
C GLN A 11 23.52 -22.55 12.16
N GLU A 12 23.88 -22.40 10.87
CA GLU A 12 23.54 -23.36 9.84
C GLU A 12 24.66 -24.40 9.68
N VAL A 13 24.26 -25.64 9.39
CA VAL A 13 25.20 -26.74 9.25
C VAL A 13 25.72 -26.77 7.82
N GLY A 14 24.80 -26.92 6.86
CA GLY A 14 25.16 -27.07 5.46
C GLY A 14 25.55 -28.51 5.10
N PRO A 15 25.31 -28.97 3.84
CA PRO A 15 25.52 -30.36 3.48
C PRO A 15 26.99 -30.75 3.39
N PRO A 16 27.35 -32.06 3.42
CA PRO A 16 26.37 -33.15 3.56
C PRO A 16 26.12 -33.59 5.01
N ASP A 17 26.54 -32.75 5.97
CA ASP A 17 26.21 -32.95 7.37
C ASP A 17 24.73 -32.65 7.59
N CYS A 18 24.06 -33.49 8.38
CA CYS A 18 22.62 -33.37 8.58
C CYS A 18 22.29 -32.16 9.45
N ARG A 19 21.11 -31.58 9.21
CA ARG A 19 20.71 -30.33 9.83
C ARG A 19 19.65 -30.57 10.90
N CYS A 20 19.41 -29.54 11.74
CA CYS A 20 18.39 -29.59 12.77
C CYS A 20 17.61 -28.28 12.87
N ASP A 21 17.66 -27.47 11.81
CA ASP A 21 17.12 -26.12 11.83
C ASP A 21 15.65 -26.11 11.41
N ASN A 22 15.06 -24.90 11.35
CA ASN A 22 13.65 -24.73 11.03
C ASN A 22 13.27 -25.19 9.62
N LEU A 23 14.22 -25.06 8.68
CA LEU A 23 13.97 -25.42 7.29
C LEU A 23 14.55 -26.78 6.88
N CYS A 24 15.07 -27.55 7.86
CA CYS A 24 15.72 -28.81 7.55
C CYS A 24 14.72 -29.81 6.96
N LYS A 25 13.45 -29.71 7.39
CA LYS A 25 12.38 -30.53 6.84
C LYS A 25 12.08 -30.19 5.38
N SER A 26 12.21 -28.90 5.03
CA SER A 26 11.89 -28.43 3.69
C SER A 26 12.89 -28.82 2.61
N TYR A 27 14.06 -29.33 3.03
CA TYR A 27 15.02 -29.93 2.11
C TYR A 27 15.14 -31.45 2.33
N SER A 28 14.35 -31.98 3.27
CA SER A 28 14.44 -33.37 3.69
C SER A 28 15.88 -33.73 4.05
N SER A 29 16.49 -32.90 4.92
CA SER A 29 17.89 -33.04 5.28
C SER A 29 18.11 -32.91 6.79
N CYS A 30 17.12 -33.33 7.58
CA CYS A 30 17.27 -33.37 9.02
C CYS A 30 17.93 -34.68 9.42
N CYS A 31 18.58 -34.69 10.59
CA CYS A 31 19.20 -35.90 11.11
C CYS A 31 18.12 -36.92 11.43
N HIS A 32 18.53 -38.19 11.53
CA HIS A 32 17.61 -39.30 11.73
C HIS A 32 16.66 -39.11 12.92
N ASP A 33 17.16 -38.51 14.00
CA ASP A 33 16.40 -38.34 15.23
C ASP A 33 15.82 -36.94 15.42
N PHE A 34 15.64 -36.20 14.31
CA PHE A 34 15.07 -34.87 14.36
C PHE A 34 13.64 -34.91 14.89
N ASP A 35 12.79 -35.70 14.23
CA ASP A 35 11.38 -35.79 14.59
C ASP A 35 11.19 -36.37 15.98
N GLU A 36 12.12 -37.26 16.38
CA GLU A 36 12.10 -37.87 17.70
C GLU A 36 12.48 -36.89 18.80
N LEU A 37 13.52 -36.08 18.56
CA LEU A 37 14.07 -35.18 19.57
C LEU A 37 13.53 -33.75 19.53
N CYS A 38 13.18 -33.26 18.33
CA CYS A 38 12.82 -31.87 18.13
C CYS A 38 11.31 -31.66 18.02
N LEU A 39 10.62 -32.62 17.38
CA LEU A 39 9.17 -32.61 17.31
C LEU A 39 8.55 -33.48 18.40
N LYS A 40 9.32 -33.72 19.46
CA LYS A 40 8.81 -34.32 20.69
C LYS A 40 7.45 -33.74 21.08
N THR A 41 6.46 -34.63 21.23
CA THR A 41 5.08 -34.24 21.47
C THR A 41 4.48 -34.92 22.70
N ALA A 42 5.34 -35.46 23.57
CA ALA A 42 4.89 -36.22 24.72
C ALA A 42 4.40 -35.29 25.83
N ARG A 43 3.36 -35.74 26.54
CA ARG A 43 2.83 -35.09 27.72
C ARG A 43 2.35 -33.66 27.50
N GLY A 44 1.75 -33.41 26.32
CA GLY A 44 1.04 -32.17 26.05
C GLY A 44 1.93 -30.92 26.05
N TRP A 45 1.27 -29.75 26.07
CA TRP A 45 1.93 -28.46 26.00
C TRP A 45 1.74 -27.60 27.25
N GLU A 46 1.03 -28.15 28.26
CA GLU A 46 0.78 -27.44 29.50
C GLU A 46 1.29 -28.22 30.70
N CYS A 47 1.92 -27.52 31.65
CA CYS A 47 2.22 -28.09 32.95
C CYS A 47 0.92 -28.47 33.66
N THR A 48 1.01 -29.49 34.52
CA THR A 48 -0.07 -29.87 35.39
C THR A 48 0.47 -29.90 36.82
N LYS A 49 -0.44 -29.87 37.80
CA LYS A 49 -0.05 -29.78 39.20
C LYS A 49 0.88 -30.92 39.60
N ASP A 50 0.58 -32.14 39.12
CA ASP A 50 1.38 -33.31 39.40
C ASP A 50 2.76 -33.26 38.75
N ARG A 51 2.87 -32.55 37.61
CA ARG A 51 4.13 -32.39 36.92
C ARG A 51 5.09 -31.40 37.58
N CYS A 52 4.57 -30.57 38.48
CA CYS A 52 5.37 -29.50 39.08
C CYS A 52 6.57 -30.04 39.85
N GLY A 53 7.77 -29.59 39.45
CA GLY A 53 9.00 -29.98 40.09
C GLY A 53 9.50 -31.36 39.69
N GLU A 54 8.99 -31.87 38.55
CA GLU A 54 9.40 -33.17 38.03
C GLU A 54 10.90 -33.24 37.79
N VAL A 55 11.43 -34.46 37.73
CA VAL A 55 12.79 -34.69 37.28
C VAL A 55 12.77 -34.64 35.75
N ARG A 56 13.68 -33.86 35.17
CA ARG A 56 13.69 -33.62 33.73
C ARG A 56 13.64 -34.92 32.94
N ASN A 57 12.50 -35.13 32.26
CA ASN A 57 12.37 -36.20 31.29
C ASN A 57 12.51 -35.58 29.91
N GLU A 58 13.58 -35.97 29.19
CA GLU A 58 13.90 -35.40 27.89
C GLU A 58 12.96 -35.84 26.78
N GLU A 59 12.03 -36.76 27.09
CA GLU A 59 11.02 -37.21 26.13
C GLU A 59 9.78 -36.32 26.11
N ASN A 60 9.57 -35.56 27.19
CA ASN A 60 8.45 -34.63 27.27
C ASN A 60 8.62 -33.44 26.30
N ALA A 61 7.48 -32.90 25.85
CA ALA A 61 7.49 -31.82 24.86
C ALA A 61 8.02 -30.53 25.48
N CYS A 62 7.39 -30.09 26.58
CA CYS A 62 7.93 -29.03 27.43
C CYS A 62 8.19 -29.62 28.81
N HIS A 63 8.84 -28.82 29.67
CA HIS A 63 9.27 -29.30 30.98
C HIS A 63 8.66 -28.49 32.13
N CYS A 64 8.50 -29.16 33.28
CA CYS A 64 8.01 -28.53 34.49
C CYS A 64 9.00 -28.71 35.64
N SER A 65 10.26 -29.02 35.30
CA SER A 65 11.35 -29.07 36.26
C SER A 65 11.83 -27.66 36.56
N GLU A 66 12.54 -27.48 37.67
CA GLU A 66 13.05 -26.17 38.04
C GLU A 66 14.25 -25.72 37.20
N ASP A 67 14.90 -26.68 36.52
CA ASP A 67 15.96 -26.35 35.58
C ASP A 67 15.45 -25.89 34.22
N CYS A 68 14.12 -25.91 34.03
CA CYS A 68 13.53 -25.60 32.75
C CYS A 68 13.76 -24.15 32.33
N LEU A 69 13.57 -23.22 33.28
CA LEU A 69 13.74 -21.79 33.02
C LEU A 69 15.16 -21.45 32.57
N SER A 70 16.15 -22.18 33.11
CA SER A 70 17.55 -21.99 32.72
C SER A 70 17.87 -22.51 31.33
N ARG A 71 16.94 -23.28 30.74
CA ARG A 71 17.03 -23.69 29.34
C ARG A 71 15.95 -23.06 28.47
N GLY A 72 15.04 -22.28 29.10
CA GLY A 72 13.96 -21.62 28.39
C GLY A 72 12.98 -22.59 27.72
N ASP A 73 12.88 -23.81 28.26
CA ASP A 73 12.08 -24.85 27.66
C ASP A 73 10.98 -25.35 28.61
N CYS A 74 10.45 -24.45 29.44
CA CYS A 74 9.29 -24.76 30.25
C CYS A 74 8.05 -24.75 29.37
N CYS A 75 6.96 -25.32 29.89
CA CYS A 75 5.64 -25.03 29.38
C CYS A 75 5.34 -23.60 29.79
N THR A 76 4.56 -22.89 28.97
CA THR A 76 4.34 -21.46 29.16
C THR A 76 3.63 -21.17 30.48
N ASN A 77 2.82 -22.13 30.94
CA ASN A 77 2.06 -21.99 32.17
C ASN A 77 2.76 -22.55 33.41
N TYR A 78 4.09 -22.71 33.33
CA TYR A 78 4.87 -23.29 34.41
C TYR A 78 4.72 -22.50 35.71
N GLN A 79 5.06 -21.20 35.66
CA GLN A 79 4.98 -20.33 36.82
C GLN A 79 3.55 -20.04 37.26
N VAL A 80 2.58 -20.22 36.36
CA VAL A 80 1.18 -20.01 36.67
C VAL A 80 0.67 -21.13 37.57
N VAL A 81 0.90 -22.37 37.15
CA VAL A 81 0.44 -23.55 37.87
C VAL A 81 1.31 -23.81 39.10
N CYS A 82 2.62 -24.00 38.86
CA CYS A 82 3.55 -24.39 39.90
C CYS A 82 3.79 -23.25 40.89
N LYS A 83 4.33 -22.12 40.39
CA LYS A 83 4.55 -20.95 41.21
C LYS A 83 3.23 -20.21 41.38
N GLY A 84 3.24 -19.11 42.12
CA GLY A 84 2.03 -18.37 42.44
C GLY A 84 1.63 -17.29 41.44
N GLU A 85 2.20 -17.35 40.23
CA GLU A 85 1.94 -16.35 39.21
C GLU A 85 0.57 -16.51 38.57
N SER A 86 0.18 -15.50 37.81
CA SER A 86 -1.07 -15.48 37.07
C SER A 86 -0.80 -15.45 35.56
N HIS A 87 -1.79 -15.89 34.78
CA HIS A 87 -1.73 -15.76 33.33
C HIS A 87 -1.58 -14.28 32.98
N TRP A 88 -0.81 -13.99 31.91
CA TRP A 88 -0.63 -12.63 31.45
C TRP A 88 -1.96 -11.93 31.21
N VAL A 89 -2.88 -12.64 30.54
CA VAL A 89 -4.18 -12.09 30.18
C VAL A 89 -5.00 -11.65 31.39
N ASP A 90 -4.83 -12.37 32.51
CA ASP A 90 -5.55 -12.05 33.74
C ASP A 90 -4.77 -11.04 34.59
N ASP A 91 -4.29 -9.97 33.94
CA ASP A 91 -3.59 -8.89 34.63
C ASP A 91 -4.01 -7.54 34.04
N ASP A 92 -4.03 -6.51 34.89
CA ASP A 92 -4.42 -5.17 34.47
C ASP A 92 -3.44 -4.57 33.48
N CYS A 93 -3.89 -3.51 32.79
CA CYS A 93 -3.04 -2.74 31.89
C CYS A 93 -2.09 -1.84 32.69
N GLU A 94 -0.79 -2.16 32.62
CA GLU A 94 0.24 -1.33 33.21
C GLU A 94 1.11 -0.77 32.09
N GLU A 95 1.14 0.57 31.98
CA GLU A 95 1.92 1.26 30.97
C GLU A 95 3.40 0.90 31.07
N ILE A 96 4.06 0.82 29.90
CA ILE A 96 5.49 0.54 29.82
C ILE A 96 6.20 1.77 29.27
N LYS A 97 6.49 2.71 30.16
CA LYS A 97 7.11 3.97 29.78
C LYS A 97 8.56 3.75 29.35
N VAL A 98 9.29 2.94 30.12
CA VAL A 98 10.66 2.57 29.81
C VAL A 98 10.70 1.06 29.62
N PRO A 99 11.59 0.52 28.76
CA PRO A 99 11.80 -0.93 28.69
C PRO A 99 12.37 -1.51 29.99
N GLU A 100 11.72 -2.57 30.49
CA GLU A 100 12.12 -3.23 31.72
C GLU A 100 12.68 -4.62 31.42
N CYS A 101 13.96 -4.68 31.03
CA CYS A 101 14.60 -5.91 30.59
C CYS A 101 15.51 -6.48 31.67
N PRO A 102 15.76 -7.82 31.66
CA PRO A 102 16.77 -8.41 32.54
C PRO A 102 18.18 -8.04 32.09
N ALA A 103 19.17 -8.45 32.88
CA ALA A 103 20.57 -8.17 32.60
C ALA A 103 20.97 -8.67 31.21
N GLY A 104 21.94 -7.99 30.59
CA GLY A 104 22.48 -8.40 29.31
C GLY A 104 21.78 -7.79 28.08
N PHE A 105 20.47 -7.58 28.21
CA PHE A 105 19.67 -7.02 27.13
C PHE A 105 20.09 -5.58 26.88
N VAL A 106 20.59 -5.30 25.67
CA VAL A 106 21.06 -3.97 25.30
C VAL A 106 19.95 -3.15 24.66
N ARG A 107 19.10 -3.81 23.87
CA ARG A 107 17.94 -3.17 23.25
C ARG A 107 16.69 -3.99 23.54
N PRO A 108 15.47 -3.42 23.40
CA PRO A 108 14.24 -4.18 23.62
C PRO A 108 13.95 -5.05 22.40
N PRO A 109 13.89 -6.40 22.55
CA PRO A 109 13.70 -7.29 21.39
C PRO A 109 12.34 -7.15 20.73
N LEU A 110 12.28 -7.50 19.44
CA LEU A 110 11.06 -7.40 18.64
C LEU A 110 10.60 -8.77 18.16
N ILE A 111 9.38 -9.16 18.56
CA ILE A 111 8.76 -10.38 18.06
C ILE A 111 7.63 -9.98 17.11
N ILE A 112 7.60 -10.61 15.93
CA ILE A 112 6.56 -10.35 14.94
C ILE A 112 5.68 -11.59 14.84
N PHE A 113 4.47 -11.48 15.42
CA PHE A 113 3.48 -12.54 15.38
C PHE A 113 2.62 -12.39 14.13
N SER A 114 2.95 -13.17 13.09
CA SER A 114 2.23 -13.14 11.83
C SER A 114 1.04 -14.09 11.85
N VAL A 115 -0.09 -13.65 11.28
CA VAL A 115 -1.29 -14.48 11.22
C VAL A 115 -1.86 -14.46 9.79
N ASP A 116 -1.79 -15.61 9.13
CA ASP A 116 -2.16 -15.72 7.72
C ASP A 116 -3.67 -15.65 7.53
N GLY A 117 -4.12 -14.75 6.64
CA GLY A 117 -5.52 -14.60 6.32
C GLY A 117 -6.38 -14.12 7.49
N PHE A 118 -5.78 -13.30 8.37
CA PHE A 118 -6.50 -12.73 9.49
C PHE A 118 -7.22 -11.46 9.03
N ARG A 119 -8.50 -11.60 8.74
CA ARG A 119 -9.36 -10.48 8.36
C ARG A 119 -9.50 -9.50 9.52
N ALA A 120 -9.56 -8.20 9.20
CA ALA A 120 -9.72 -7.15 10.20
C ALA A 120 -10.97 -7.37 11.06
N SER A 121 -12.07 -7.80 10.41
CA SER A 121 -13.36 -7.95 11.06
C SER A 121 -13.40 -8.99 12.18
N TYR A 122 -12.44 -9.91 12.17
CA TYR A 122 -12.31 -10.93 13.20
C TYR A 122 -12.04 -10.35 14.59
N MET A 123 -11.53 -9.10 14.63
CA MET A 123 -11.24 -8.42 15.88
C MET A 123 -12.50 -8.03 16.64
N LYS A 124 -13.65 -8.03 15.95
CA LYS A 124 -14.93 -7.73 16.56
C LYS A 124 -15.48 -8.86 17.42
N LYS A 125 -14.89 -10.07 17.29
CA LYS A 125 -15.34 -11.23 18.05
C LYS A 125 -15.09 -11.06 19.55
N GLY A 126 -14.10 -10.23 19.90
CA GLY A 126 -13.99 -9.66 21.24
C GLY A 126 -13.25 -10.51 22.27
N SER A 127 -13.30 -10.04 23.52
CA SER A 127 -12.60 -10.64 24.64
C SER A 127 -12.98 -12.10 24.88
N LYS A 128 -14.28 -12.39 24.78
CA LYS A 128 -14.79 -13.71 25.08
C LYS A 128 -14.20 -14.79 24.17
N VAL A 129 -13.84 -14.39 22.94
CA VAL A 129 -13.23 -15.30 21.99
C VAL A 129 -11.70 -15.18 22.00
N MET A 130 -11.21 -13.95 21.91
CA MET A 130 -9.78 -13.69 21.76
C MET A 130 -9.25 -12.80 22.88
N PRO A 131 -9.25 -13.26 24.15
CA PRO A 131 -8.89 -12.41 25.29
C PRO A 131 -7.46 -11.89 25.27
N ASN A 132 -6.51 -12.73 24.82
CA ASN A 132 -5.11 -12.36 24.76
C ASN A 132 -4.83 -11.28 23.72
N ILE A 133 -5.26 -11.56 22.48
CA ILE A 133 -5.11 -10.62 21.39
C ILE A 133 -5.81 -9.31 21.74
N GLU A 134 -6.98 -9.43 22.38
CA GLU A 134 -7.77 -8.27 22.77
C GLU A 134 -6.99 -7.35 23.70
N LYS A 135 -6.26 -7.94 24.65
CA LYS A 135 -5.44 -7.17 25.57
C LYS A 135 -4.36 -6.42 24.79
N LEU A 136 -3.62 -7.14 23.93
CA LEU A 136 -2.61 -6.52 23.08
C LEU A 136 -3.17 -5.29 22.37
N ARG A 137 -4.37 -5.44 21.79
CA ARG A 137 -5.00 -4.39 21.01
C ARG A 137 -5.35 -3.16 21.85
N SER A 138 -6.23 -3.36 22.83
CA SER A 138 -6.78 -2.26 23.61
C SER A 138 -5.81 -1.70 24.64
N CYS A 139 -4.76 -2.46 24.95
CA CYS A 139 -3.74 -2.05 25.90
C CYS A 139 -2.58 -1.32 25.22
N GLY A 140 -2.20 -1.80 24.03
CA GLY A 140 -1.19 -1.17 23.21
C GLY A 140 -1.78 -0.30 22.09
N THR A 141 -0.98 -0.10 21.03
CA THR A 141 -1.39 0.65 19.86
C THR A 141 -2.07 -0.29 18.87
N HIS A 142 -3.20 0.15 18.29
CA HIS A 142 -3.88 -0.63 17.26
C HIS A 142 -4.51 0.27 16.19
N ALA A 143 -4.58 -0.27 14.97
CA ALA A 143 -5.29 0.37 13.88
C ALA A 143 -6.60 -0.36 13.62
N PRO A 144 -7.68 0.34 13.19
CA PRO A 144 -8.90 -0.33 12.73
C PRO A 144 -8.61 -1.47 11.75
N TYR A 145 -7.70 -1.22 10.81
CA TYR A 145 -7.24 -2.22 9.86
C TYR A 145 -5.93 -1.77 9.22
N MET A 146 -5.17 -2.73 8.71
CA MET A 146 -3.98 -2.43 7.93
C MET A 146 -4.25 -2.88 6.50
N ARG A 147 -3.91 -2.04 5.53
CA ARG A 147 -4.21 -2.32 4.13
C ARG A 147 -3.07 -3.11 3.50
N PRO A 148 -3.36 -4.29 2.92
CA PRO A 148 -2.36 -5.07 2.20
C PRO A 148 -1.98 -4.47 0.85
N VAL A 149 -1.07 -5.13 0.14
CA VAL A 149 -0.71 -4.78 -1.22
C VAL A 149 -1.41 -5.74 -2.18
N TYR A 150 -1.68 -5.27 -3.40
CA TYR A 150 -2.16 -6.13 -4.47
C TYR A 150 -0.99 -6.98 -4.94
N PRO A 151 -1.14 -8.32 -5.11
CA PRO A 151 -2.43 -8.98 -5.17
C PRO A 151 -2.98 -9.65 -3.91
N THR A 152 -2.75 -9.06 -2.73
CA THR A 152 -3.32 -9.54 -1.48
C THR A 152 -3.29 -11.07 -1.37
N LYS A 153 -2.11 -11.64 -1.68
CA LYS A 153 -1.81 -13.05 -1.42
C LYS A 153 -0.80 -13.08 -0.28
N THR A 154 -0.27 -14.27 0.02
CA THR A 154 0.62 -14.44 1.15
C THR A 154 2.05 -13.96 0.87
N PHE A 155 2.68 -14.57 -0.13
CA PHE A 155 4.09 -14.33 -0.41
C PHE A 155 4.39 -12.90 -0.83
N PRO A 156 3.54 -12.26 -1.67
CA PRO A 156 3.66 -10.82 -1.94
C PRO A 156 3.59 -9.93 -0.70
N ASN A 157 2.63 -10.20 0.19
CA ASN A 157 2.37 -9.33 1.33
C ASN A 157 3.31 -9.57 2.51
N LEU A 158 3.71 -10.82 2.73
CA LEU A 158 4.63 -11.14 3.80
C LEU A 158 6.05 -10.65 3.48
N TYR A 159 6.39 -10.57 2.18
CA TYR A 159 7.70 -10.07 1.78
C TYR A 159 7.70 -8.56 1.62
N THR A 160 6.56 -8.00 1.19
CA THR A 160 6.34 -6.56 1.25
C THR A 160 6.50 -6.08 2.69
N LEU A 161 5.89 -6.83 3.62
CA LEU A 161 5.96 -6.53 5.04
C LEU A 161 7.37 -6.71 5.60
N ALA A 162 8.16 -7.56 4.93
CA ALA A 162 9.57 -7.78 5.26
C ALA A 162 10.51 -6.71 4.69
N THR A 163 10.19 -6.19 3.51
CA THR A 163 11.07 -5.29 2.77
C THR A 163 10.65 -3.83 2.72
N GLY A 164 9.39 -3.55 3.04
CA GLY A 164 8.82 -2.22 2.85
C GLY A 164 8.56 -1.87 1.39
N LEU A 165 8.76 -2.84 0.49
CA LEU A 165 8.69 -2.62 -0.95
C LEU A 165 7.35 -3.09 -1.51
N TYR A 166 6.89 -2.43 -2.58
CA TYR A 166 5.78 -2.94 -3.38
C TYR A 166 6.19 -4.28 -3.98
N PRO A 167 5.27 -5.25 -4.15
CA PRO A 167 5.59 -6.51 -4.82
C PRO A 167 6.38 -6.36 -6.11
N GLU A 168 6.03 -5.34 -6.92
CA GLU A 168 6.71 -5.12 -8.19
C GLU A 168 8.21 -4.83 -8.02
N SER A 169 8.57 -4.19 -6.89
CA SER A 169 9.96 -3.86 -6.62
C SER A 169 10.76 -5.07 -6.16
N HIS A 170 10.27 -5.76 -5.12
CA HIS A 170 11.00 -6.88 -4.55
C HIS A 170 10.92 -8.13 -5.42
N GLY A 171 9.88 -8.20 -6.27
CA GLY A 171 9.80 -9.22 -7.29
C GLY A 171 8.83 -10.37 -6.99
N ILE A 172 8.44 -10.52 -5.72
CA ILE A 172 7.52 -11.57 -5.32
C ILE A 172 6.10 -11.08 -5.60
N VAL A 173 5.67 -11.20 -6.86
CA VAL A 173 4.43 -10.58 -7.32
C VAL A 173 3.22 -11.51 -7.24
N GLY A 174 3.41 -12.72 -6.68
CA GLY A 174 2.32 -13.66 -6.48
C GLY A 174 2.75 -14.91 -5.73
N ASN A 175 1.77 -15.71 -5.29
CA ASN A 175 2.06 -17.02 -4.74
C ASN A 175 2.72 -17.92 -5.78
N SER A 176 2.40 -17.69 -7.06
CA SER A 176 3.11 -18.32 -8.17
C SER A 176 3.32 -17.34 -9.32
N MET A 177 4.49 -17.42 -9.96
CA MET A 177 4.83 -16.56 -11.07
C MET A 177 5.80 -17.25 -12.02
N TYR A 178 6.04 -16.61 -13.17
CA TYR A 178 7.02 -17.06 -14.15
C TYR A 178 8.02 -15.94 -14.44
N ASP A 179 9.30 -16.32 -14.54
CA ASP A 179 10.36 -15.37 -14.84
C ASP A 179 11.02 -15.74 -16.16
N PRO A 180 10.88 -14.92 -17.22
CA PRO A 180 11.38 -15.27 -18.56
C PRO A 180 12.89 -15.30 -18.68
N VAL A 181 13.57 -14.53 -17.81
CA VAL A 181 15.03 -14.52 -17.76
C VAL A 181 15.53 -15.83 -17.18
N PHE A 182 15.05 -16.17 -15.97
CA PHE A 182 15.36 -17.45 -15.35
C PHE A 182 14.89 -18.61 -16.22
N ASP A 183 13.76 -18.39 -16.90
CA ASP A 183 13.02 -19.44 -17.59
C ASP A 183 12.67 -20.53 -16.58
N ALA A 184 11.86 -20.13 -15.60
CA ALA A 184 11.40 -21.01 -14.55
C ALA A 184 10.21 -20.36 -13.86
N SER A 185 9.48 -21.16 -13.07
CA SER A 185 8.33 -20.65 -12.34
C SER A 185 8.47 -20.85 -10.84
N PHE A 186 7.77 -19.99 -10.10
CA PHE A 186 7.76 -20.00 -8.64
C PHE A 186 6.42 -20.58 -8.20
N HIS A 187 6.43 -21.38 -7.13
CA HIS A 187 5.23 -22.04 -6.65
C HIS A 187 5.23 -22.11 -5.12
N LEU A 188 4.02 -22.01 -4.54
CA LEU A 188 3.85 -22.13 -3.10
C LEU A 188 4.13 -23.56 -2.62
N ARG A 189 4.16 -24.51 -3.55
CA ARG A 189 4.74 -25.83 -3.30
C ARG A 189 6.03 -25.99 -4.10
N GLY A 190 7.05 -26.55 -3.46
CA GLY A 190 8.30 -26.88 -4.13
C GLY A 190 9.53 -26.30 -3.42
N ARG A 191 10.71 -26.69 -3.91
CA ARG A 191 11.97 -26.19 -3.39
C ARG A 191 12.47 -24.98 -4.19
N GLU A 192 11.73 -24.62 -5.25
CA GLU A 192 12.10 -23.49 -6.09
C GLU A 192 11.90 -22.15 -5.38
N LYS A 193 10.92 -22.10 -4.45
CA LYS A 193 10.66 -20.89 -3.68
C LYS A 193 11.75 -20.56 -2.68
N PHE A 194 12.75 -21.44 -2.54
CA PHE A 194 13.86 -21.21 -1.63
C PHE A 194 15.07 -20.59 -2.33
N ASN A 195 15.12 -20.69 -3.67
CA ASN A 195 16.19 -20.06 -4.44
C ASN A 195 16.15 -18.55 -4.23
N HIS A 196 17.31 -17.97 -3.88
CA HIS A 196 17.42 -16.57 -3.49
C HIS A 196 17.20 -15.60 -4.65
N ARG A 197 17.42 -16.09 -5.88
CA ARG A 197 17.26 -15.28 -7.08
C ARG A 197 15.89 -14.62 -7.20
N TRP A 198 14.86 -15.29 -6.68
CA TRP A 198 13.49 -14.77 -6.68
C TRP A 198 13.29 -13.55 -5.79
N TRP A 199 14.07 -13.48 -4.70
CA TRP A 199 13.82 -12.54 -3.61
C TRP A 199 14.73 -11.31 -3.70
N GLY A 200 14.14 -10.17 -4.02
CA GLY A 200 14.86 -8.92 -4.17
C GLY A 200 14.74 -8.00 -2.95
N GLY A 201 15.11 -6.73 -3.13
CA GLY A 201 15.15 -5.78 -2.04
C GLY A 201 16.08 -6.23 -0.91
N GLN A 202 15.70 -5.90 0.32
CA GLN A 202 16.44 -6.34 1.49
C GLN A 202 15.48 -6.53 2.67
N PRO A 203 15.22 -7.79 3.10
CA PRO A 203 14.28 -8.03 4.20
C PRO A 203 14.86 -7.62 5.55
N LEU A 204 13.98 -7.49 6.54
CA LEU A 204 14.34 -7.02 7.88
C LEU A 204 15.49 -7.82 8.49
N TRP A 205 15.48 -9.14 8.30
CA TRP A 205 16.47 -10.02 8.88
C TRP A 205 17.85 -9.87 8.25
N ILE A 206 17.90 -9.41 6.99
CA ILE A 206 19.18 -9.12 6.34
C ILE A 206 19.65 -7.71 6.69
N THR A 207 18.72 -6.76 6.79
CA THR A 207 19.05 -5.41 7.23
C THR A 207 19.71 -5.49 8.60
N ALA A 208 19.07 -6.24 9.52
CA ALA A 208 19.56 -6.39 10.88
C ALA A 208 20.95 -7.02 10.93
N THR A 209 21.13 -8.11 10.18
CA THR A 209 22.40 -8.82 10.13
C THR A 209 23.53 -7.93 9.62
N LYS A 210 23.24 -7.18 8.55
CA LYS A 210 24.20 -6.26 7.97
C LYS A 210 24.64 -5.17 8.95
N GLN A 211 23.77 -4.86 9.92
CA GLN A 211 24.06 -3.87 10.94
C GLN A 211 24.38 -4.49 12.31
N GLY A 212 24.81 -5.77 12.29
CA GLY A 212 25.29 -6.45 13.49
C GLY A 212 24.23 -6.73 14.55
N VAL A 213 22.97 -6.85 14.12
CA VAL A 213 21.87 -7.20 15.00
C VAL A 213 21.35 -8.57 14.60
N ARG A 214 21.63 -9.58 15.43
CA ARG A 214 21.27 -10.96 15.14
C ARG A 214 19.75 -11.14 15.02
N ALA A 215 19.36 -12.08 14.15
CA ALA A 215 17.95 -12.32 13.87
C ALA A 215 17.60 -13.80 14.05
N GLY A 216 16.51 -14.05 14.78
CA GLY A 216 15.90 -15.37 14.80
C GLY A 216 15.36 -15.68 13.41
N THR A 217 15.22 -16.98 13.10
CA THR A 217 14.74 -17.39 11.79
C THR A 217 13.25 -17.13 11.68
N PHE A 218 12.87 -16.36 10.65
CA PHE A 218 11.48 -16.02 10.38
C PHE A 218 10.70 -17.18 9.78
N PHE A 219 11.44 -18.15 9.23
CA PHE A 219 10.86 -19.25 8.48
C PHE A 219 10.64 -20.45 9.41
N TRP A 220 9.47 -21.09 9.25
CA TRP A 220 9.11 -22.25 10.04
C TRP A 220 8.54 -23.33 9.11
N SER A 221 9.17 -24.50 9.09
CA SER A 221 8.63 -25.64 8.37
C SER A 221 7.25 -25.98 8.92
N VAL A 222 6.35 -26.34 8.00
CA VAL A 222 4.96 -26.58 8.35
C VAL A 222 4.80 -27.75 9.34
N SER A 223 5.71 -28.72 9.24
CA SER A 223 5.76 -29.85 10.16
C SER A 223 5.89 -29.42 11.62
N ILE A 224 6.58 -28.29 11.86
CA ILE A 224 6.78 -27.76 13.20
C ILE A 224 5.48 -27.14 13.71
N PRO A 225 4.88 -27.68 14.79
CA PRO A 225 3.59 -27.16 15.30
C PRO A 225 3.72 -25.80 15.97
N HIS A 226 2.60 -25.11 16.15
CA HIS A 226 2.59 -23.75 16.65
C HIS A 226 3.13 -23.62 18.07
N GLU A 227 2.86 -24.62 18.91
CA GLU A 227 3.32 -24.62 20.29
C GLU A 227 4.84 -24.68 20.35
N ARG A 228 5.45 -25.42 19.42
CA ARG A 228 6.89 -25.57 19.32
C ARG A 228 7.58 -24.30 18.82
N ARG A 229 6.94 -23.61 17.87
CA ARG A 229 7.46 -22.38 17.31
C ARG A 229 7.60 -21.30 18.37
N ILE A 230 6.63 -21.24 19.29
CA ILE A 230 6.65 -20.33 20.41
C ILE A 230 7.80 -20.70 21.35
N LEU A 231 7.87 -21.98 21.72
CA LEU A 231 8.90 -22.48 22.63
C LEU A 231 10.32 -22.26 22.09
N THR A 232 10.47 -22.34 20.75
CA THR A 232 11.76 -22.12 20.11
C THR A 232 12.19 -20.65 20.19
N ILE A 233 11.22 -19.74 20.02
CA ILE A 233 11.47 -18.32 20.20
C ILE A 233 11.89 -18.04 21.64
N LEU A 234 11.19 -18.69 22.59
CA LEU A 234 11.45 -18.50 24.01
C LEU A 234 12.76 -19.15 24.46
N GLN A 235 13.19 -20.21 23.78
CA GLN A 235 14.50 -20.79 24.03
C GLN A 235 15.61 -19.88 23.53
N TRP A 236 15.43 -19.36 22.30
CA TRP A 236 16.38 -18.42 21.71
C TRP A 236 16.57 -17.17 22.56
N LEU A 237 15.47 -16.64 23.12
CA LEU A 237 15.52 -15.49 24.01
C LEU A 237 16.32 -15.77 25.29
N SER A 238 16.36 -17.04 25.69
CA SER A 238 17.09 -17.45 26.88
C SER A 238 18.60 -17.55 26.69
N LEU A 239 19.06 -17.52 25.43
CA LEU A 239 20.48 -17.66 25.11
C LEU A 239 21.33 -16.54 25.70
N PRO A 240 22.67 -16.71 25.75
CA PRO A 240 23.58 -15.63 26.14
C PRO A 240 23.60 -14.47 25.14
N ASP A 241 24.13 -13.33 25.57
CA ASP A 241 24.13 -12.09 24.81
C ASP A 241 24.66 -12.26 23.39
N ASN A 242 25.84 -12.90 23.27
CA ASN A 242 26.49 -13.11 22.00
C ASN A 242 25.74 -14.05 21.06
N GLU A 243 24.78 -14.81 21.61
CA GLU A 243 23.97 -15.74 20.82
C GLU A 243 22.53 -15.25 20.62
N ARG A 244 21.90 -14.80 21.70
CA ARG A 244 20.51 -14.35 21.68
C ARG A 244 20.24 -13.39 20.53
N PRO A 245 19.31 -13.71 19.62
CA PRO A 245 18.85 -12.74 18.61
C PRO A 245 18.03 -11.58 19.21
N SER A 246 17.87 -10.52 18.42
CA SER A 246 17.08 -9.36 18.80
C SER A 246 15.72 -9.31 18.11
N VAL A 247 15.64 -9.81 16.86
CA VAL A 247 14.42 -9.81 16.09
C VAL A 247 13.93 -11.23 15.87
N TYR A 248 12.64 -11.46 16.11
CA TYR A 248 12.01 -12.77 15.93
C TYR A 248 10.78 -12.64 15.05
N ALA A 249 10.26 -13.80 14.63
CA ALA A 249 9.00 -13.86 13.89
C ALA A 249 8.33 -15.22 14.07
N PHE A 250 7.06 -15.19 14.45
CA PHE A 250 6.21 -16.37 14.47
C PHE A 250 5.28 -16.30 13.25
N TYR A 251 4.96 -17.49 12.70
CA TYR A 251 4.05 -17.59 11.56
C TYR A 251 2.99 -18.66 11.81
N SER A 252 1.71 -18.22 11.83
CA SER A 252 0.58 -19.13 11.86
C SER A 252 -0.03 -19.26 10.46
N GLU A 253 -0.26 -20.51 10.03
CA GLU A 253 -0.94 -20.77 8.77
C GLU A 253 -2.42 -20.38 8.89
N GLN A 254 -2.92 -20.39 10.13
CA GLN A 254 -4.28 -19.98 10.46
C GLN A 254 -4.35 -18.47 10.64
N PRO A 255 -5.55 -17.83 10.61
CA PRO A 255 -6.81 -18.51 10.30
C PRO A 255 -7.16 -18.61 8.81
N ASP A 256 -6.15 -18.74 7.95
CA ASP A 256 -6.36 -18.74 6.51
C ASP A 256 -7.13 -19.97 6.05
N PHE A 257 -6.56 -21.16 6.26
CA PHE A 257 -7.19 -22.39 5.80
C PHE A 257 -8.65 -22.47 6.24
N SER A 258 -8.89 -22.17 7.51
CA SER A 258 -10.24 -22.24 8.06
C SER A 258 -11.19 -21.36 7.26
N GLY A 259 -10.77 -20.11 6.99
CA GLY A 259 -11.54 -19.18 6.18
C GLY A 259 -11.80 -19.67 4.76
N HIS A 260 -10.83 -20.38 4.17
CA HIS A 260 -10.95 -20.94 2.84
C HIS A 260 -12.02 -22.03 2.72
N LYS A 261 -12.41 -22.63 3.86
CA LYS A 261 -13.38 -23.71 3.86
C LYS A 261 -14.72 -23.36 4.49
N TYR A 262 -14.72 -22.48 5.50
CA TYR A 262 -15.94 -22.10 6.19
C TYR A 262 -16.27 -20.62 5.99
N GLY A 263 -15.56 -19.96 5.07
CA GLY A 263 -15.78 -18.56 4.78
C GLY A 263 -15.34 -17.64 5.92
N PRO A 264 -15.27 -16.30 5.70
CA PRO A 264 -14.97 -15.36 6.76
C PRO A 264 -16.08 -15.26 7.81
N PHE A 265 -17.33 -15.25 7.34
CA PHE A 265 -18.48 -15.08 8.22
C PHE A 265 -19.10 -16.41 8.67
N GLY A 266 -18.29 -17.48 8.68
CA GLY A 266 -18.71 -18.74 9.26
C GLY A 266 -18.59 -18.71 10.78
N PRO A 267 -19.50 -19.37 11.53
CA PRO A 267 -19.34 -19.53 12.98
C PRO A 267 -18.29 -20.58 13.34
N GLU A 268 -17.77 -21.28 12.32
CA GLU A 268 -16.66 -22.20 12.49
C GLU A 268 -15.33 -21.47 12.63
N MET A 269 -15.35 -20.14 12.47
CA MET A 269 -14.16 -19.32 12.66
C MET A 269 -13.75 -19.21 14.12
N THR A 270 -14.70 -19.44 15.03
CA THR A 270 -14.48 -19.21 16.45
C THR A 270 -13.37 -20.11 17.00
N ASN A 271 -13.40 -21.40 16.64
CA ASN A 271 -12.40 -22.35 17.11
C ASN A 271 -11.00 -22.06 16.58
N PRO A 272 -10.79 -21.87 15.26
CA PRO A 272 -9.47 -21.51 14.73
C PRO A 272 -8.95 -20.16 15.19
N LEU A 273 -9.85 -19.27 15.62
CA LEU A 273 -9.45 -18.00 16.21
C LEU A 273 -9.15 -18.13 17.70
N ARG A 274 -9.74 -19.15 18.35
CA ARG A 274 -9.42 -19.47 19.73
C ARG A 274 -8.03 -20.09 19.89
N GLU A 275 -7.60 -20.88 18.89
CA GLU A 275 -6.28 -21.49 18.91
C GLU A 275 -5.19 -20.47 18.58
N ILE A 276 -5.52 -19.49 17.74
CA ILE A 276 -4.63 -18.36 17.47
C ILE A 276 -4.38 -17.59 18.77
N ASP A 277 -5.46 -17.36 19.52
CA ASP A 277 -5.38 -16.66 20.79
C ASP A 277 -4.60 -17.46 21.84
N LYS A 278 -4.82 -18.78 21.88
CA LYS A 278 -4.02 -19.68 22.70
C LYS A 278 -2.53 -19.47 22.43
N THR A 279 -2.14 -19.50 21.15
CA THR A 279 -0.76 -19.36 20.73
C THR A 279 -0.15 -18.04 21.20
N VAL A 280 -0.96 -16.97 21.19
CA VAL A 280 -0.56 -15.66 21.67
C VAL A 280 -0.41 -15.68 23.19
N GLY A 281 -1.42 -16.21 23.88
CA GLY A 281 -1.39 -16.36 25.33
C GLY A 281 -0.21 -17.19 25.83
N GLN A 282 0.16 -18.21 25.04
CA GLN A 282 1.36 -19.00 25.31
C GLN A 282 2.62 -18.14 25.24
N LEU A 283 2.80 -17.43 24.13
CA LEU A 283 3.93 -16.53 23.96
C LEU A 283 4.02 -15.56 25.14
N MET A 284 2.90 -14.89 25.44
CA MET A 284 2.88 -13.82 26.43
C MET A 284 3.06 -14.36 27.86
N ASP A 285 2.48 -15.54 28.13
CA ASP A 285 2.79 -16.26 29.37
C ASP A 285 4.27 -16.57 29.45
N GLY A 286 4.80 -17.17 28.37
CA GLY A 286 6.19 -17.56 28.30
C GLY A 286 7.17 -16.41 28.47
N LEU A 287 6.79 -15.24 27.95
CA LEU A 287 7.59 -14.03 28.09
C LEU A 287 7.59 -13.53 29.53
N LYS A 288 6.44 -13.60 30.20
CA LYS A 288 6.32 -13.17 31.58
C LYS A 288 7.22 -13.99 32.51
N GLN A 289 7.31 -15.30 32.24
CA GLN A 289 8.16 -16.21 33.00
C GLN A 289 9.64 -15.82 32.94
N LEU A 290 10.02 -15.12 31.85
CA LEU A 290 11.40 -14.68 31.65
C LEU A 290 11.57 -13.20 31.99
N ARG A 291 10.56 -12.61 32.62
CA ARG A 291 10.49 -11.18 32.89
C ARG A 291 10.79 -10.39 31.60
N LEU A 292 10.08 -10.75 30.52
CA LEU A 292 10.20 -10.07 29.25
C LEU A 292 8.90 -9.43 28.77
N HIS A 293 7.85 -9.53 29.59
CA HIS A 293 6.54 -9.00 29.25
C HIS A 293 6.48 -7.47 29.31
N ARG A 294 7.49 -6.86 29.92
CA ARG A 294 7.62 -5.41 29.97
C ARG A 294 8.90 -4.95 29.27
N CYS A 295 9.42 -5.82 28.38
CA CYS A 295 10.70 -5.59 27.71
C CYS A 295 10.61 -5.74 26.20
N VAL A 296 9.74 -6.65 25.73
CA VAL A 296 9.65 -6.98 24.32
C VAL A 296 8.57 -6.17 23.63
N ASN A 297 8.91 -5.63 22.45
CA ASN A 297 7.93 -5.07 21.53
C ASN A 297 7.31 -6.22 20.75
N VAL A 298 5.97 -6.33 20.82
CA VAL A 298 5.24 -7.38 20.14
C VAL A 298 4.36 -6.76 19.05
N ILE A 299 4.61 -7.14 17.79
CA ILE A 299 3.77 -6.74 16.67
C ILE A 299 2.87 -7.89 16.25
N PHE A 300 1.54 -7.66 16.32
CA PHE A 300 0.57 -8.64 15.87
C PHE A 300 -0.05 -8.16 14.55
N VAL A 301 0.35 -8.82 13.45
CA VAL A 301 0.02 -8.36 12.11
C VAL A 301 -0.37 -9.52 11.17
N GLY A 302 -1.25 -9.21 10.20
CA GLY A 302 -1.66 -10.19 9.20
C GLY A 302 -1.19 -9.82 7.80
N ASP A 303 -1.34 -10.78 6.86
CA ASP A 303 -0.93 -10.58 5.48
C ASP A 303 -2.08 -10.08 4.60
N HIS A 304 -3.29 -10.61 4.86
CA HIS A 304 -4.48 -10.28 4.09
C HIS A 304 -5.74 -10.75 4.82
N GLY A 305 -6.91 -10.44 4.24
CA GLY A 305 -8.18 -10.86 4.78
C GLY A 305 -8.74 -12.10 4.09
N MET A 306 -10.06 -12.27 4.16
CA MET A 306 -10.75 -13.40 3.55
C MET A 306 -12.14 -12.97 3.09
N GLU A 307 -12.55 -13.48 1.93
CA GLU A 307 -13.85 -13.15 1.33
C GLU A 307 -14.63 -14.41 1.02
N ASP A 308 -15.97 -14.30 1.01
CA ASP A 308 -16.86 -15.39 0.65
C ASP A 308 -16.73 -15.73 -0.84
N VAL A 309 -16.26 -16.95 -1.14
CA VAL A 309 -16.05 -17.38 -2.51
C VAL A 309 -16.39 -18.87 -2.65
N THR A 310 -17.52 -19.15 -3.32
CA THR A 310 -17.93 -20.51 -3.63
C THR A 310 -17.51 -20.89 -5.06
N CYS A 311 -17.66 -22.17 -5.39
CA CYS A 311 -17.34 -22.69 -6.70
C CYS A 311 -18.31 -22.22 -7.78
N ASP A 312 -19.60 -22.11 -7.41
CA ASP A 312 -20.64 -21.69 -8.32
C ASP A 312 -20.35 -20.36 -9.01
N ARG A 313 -19.53 -19.53 -8.36
CA ARG A 313 -19.12 -18.24 -8.90
C ARG A 313 -17.73 -18.32 -9.53
N THR A 314 -17.68 -18.80 -10.79
CA THR A 314 -16.43 -18.88 -11.54
C THR A 314 -16.65 -18.53 -13.02
N GLU A 315 -15.94 -17.49 -13.47
CA GLU A 315 -15.88 -17.14 -14.89
C GLU A 315 -14.84 -18.02 -15.57
N PHE A 316 -15.15 -18.47 -16.79
CA PHE A 316 -14.24 -19.30 -17.56
C PHE A 316 -13.81 -18.57 -18.84
N LEU A 317 -12.50 -18.51 -19.08
CA LEU A 317 -11.95 -17.84 -20.25
C LEU A 317 -12.23 -18.59 -21.54
N SER A 318 -12.67 -19.85 -21.43
CA SER A 318 -13.11 -20.62 -22.59
C SER A 318 -14.43 -20.12 -23.16
N ASN A 319 -15.20 -19.40 -22.33
CA ASN A 319 -16.45 -18.79 -22.76
C ASN A 319 -16.30 -17.34 -23.20
N TYR A 320 -15.06 -16.81 -23.15
CA TYR A 320 -14.75 -15.50 -23.73
C TYR A 320 -13.76 -15.63 -24.89
N LEU A 321 -12.68 -16.39 -24.67
CA LEU A 321 -11.70 -16.66 -25.71
C LEU A 321 -12.03 -17.95 -26.46
N THR A 322 -11.74 -17.95 -27.77
CA THR A 322 -11.90 -19.13 -28.60
C THR A 322 -10.58 -19.90 -28.73
N ASN A 323 -9.46 -19.17 -28.67
CA ASN A 323 -8.13 -19.76 -28.73
C ASN A 323 -7.55 -19.97 -27.34
N VAL A 324 -8.26 -20.76 -26.52
CA VAL A 324 -7.96 -20.89 -25.10
C VAL A 324 -6.64 -21.61 -24.87
N ASP A 325 -6.33 -22.58 -25.75
CA ASP A 325 -5.15 -23.41 -25.61
C ASP A 325 -3.85 -22.68 -25.91
N ASP A 326 -3.94 -21.54 -26.60
CA ASP A 326 -2.78 -20.72 -26.91
C ASP A 326 -2.19 -20.05 -25.67
N ILE A 327 -3.04 -19.78 -24.68
CA ILE A 327 -2.68 -18.93 -23.56
C ILE A 327 -2.46 -19.73 -22.26
N THR A 328 -1.51 -19.26 -21.45
CA THR A 328 -1.35 -19.69 -20.07
C THR A 328 -2.02 -18.65 -19.17
N LEU A 329 -2.63 -19.11 -18.08
CA LEU A 329 -3.32 -18.23 -17.14
C LEU A 329 -2.91 -18.52 -15.70
N VAL A 330 -2.68 -17.45 -14.94
CA VAL A 330 -2.56 -17.54 -13.48
C VAL A 330 -3.95 -17.23 -12.93
N PRO A 331 -4.72 -18.25 -12.48
CA PRO A 331 -6.15 -18.09 -12.22
C PRO A 331 -6.49 -17.66 -10.79
N GLY A 332 -7.79 -17.60 -10.51
CA GLY A 332 -8.31 -17.43 -9.16
C GLY A 332 -8.98 -16.08 -8.93
N THR A 333 -8.51 -15.38 -7.90
CA THR A 333 -9.02 -14.05 -7.54
C THR A 333 -8.33 -12.95 -8.35
N LEU A 334 -7.38 -13.34 -9.20
CA LEU A 334 -6.79 -12.46 -10.19
C LEU A 334 -6.47 -13.26 -11.44
N GLY A 335 -6.12 -12.55 -12.51
CA GLY A 335 -5.71 -13.18 -13.76
C GLY A 335 -4.46 -12.55 -14.35
N ARG A 336 -3.57 -13.39 -14.87
CA ARG A 336 -2.42 -12.94 -15.64
C ARG A 336 -2.28 -13.88 -16.83
N ILE A 337 -2.33 -13.30 -18.04
CA ILE A 337 -2.36 -14.08 -19.27
C ILE A 337 -1.06 -13.93 -20.05
N ARG A 338 -0.66 -15.02 -20.73
CA ARG A 338 0.66 -15.15 -21.34
C ARG A 338 0.59 -16.18 -22.47
N ALA A 339 1.40 -15.96 -23.53
CA ALA A 339 1.45 -16.88 -24.65
C ALA A 339 2.23 -18.16 -24.30
N LYS A 340 1.72 -19.30 -24.77
CA LYS A 340 2.38 -20.59 -24.57
C LYS A 340 3.59 -20.74 -25.48
N SER A 341 3.38 -20.56 -26.79
CA SER A 341 4.42 -20.73 -27.78
C SER A 341 5.42 -19.57 -27.74
N ILE A 342 6.57 -19.81 -27.10
CA ILE A 342 7.61 -18.79 -26.95
C ILE A 342 8.36 -18.64 -28.27
N TYR A 347 -1.81 -15.93 -31.58
CA TYR A 347 -1.79 -15.15 -30.34
C TYR A 347 -1.55 -13.68 -30.64
N ASP A 348 -2.40 -12.82 -30.06
CA ASP A 348 -2.24 -11.37 -30.18
C ASP A 348 -2.89 -10.67 -28.99
N PRO A 349 -2.12 -9.97 -28.14
CA PRO A 349 -2.66 -9.30 -26.95
C PRO A 349 -3.84 -8.38 -27.20
N LYS A 350 -3.79 -7.65 -28.32
CA LYS A 350 -4.82 -6.67 -28.68
C LYS A 350 -6.18 -7.36 -28.78
N THR A 351 -6.19 -8.53 -29.43
CA THR A 351 -7.40 -9.31 -29.64
C THR A 351 -7.94 -9.86 -28.32
N ILE A 352 -7.05 -10.42 -27.50
CA ILE A 352 -7.44 -11.04 -26.24
C ILE A 352 -8.16 -10.04 -25.35
N ILE A 353 -7.49 -8.91 -25.05
CA ILE A 353 -8.07 -7.91 -24.16
C ILE A 353 -9.40 -7.38 -24.71
N ALA A 354 -9.47 -7.23 -26.04
CA ALA A 354 -10.69 -6.78 -26.70
C ALA A 354 -11.82 -7.78 -26.47
N ALA A 355 -11.50 -9.07 -26.65
CA ALA A 355 -12.48 -10.14 -26.50
C ALA A 355 -12.99 -10.30 -25.08
N LEU A 356 -12.17 -9.87 -24.10
CA LEU A 356 -12.53 -9.95 -22.69
C LEU A 356 -13.28 -8.72 -22.17
N THR A 357 -13.58 -7.77 -23.06
CA THR A 357 -14.09 -6.46 -22.69
C THR A 357 -15.61 -6.34 -22.79
N CYS A 358 -16.24 -5.97 -21.67
CA CYS A 358 -17.67 -5.69 -21.59
C CYS A 358 -18.50 -6.57 -22.53
N LYS A 359 -18.30 -7.90 -22.45
CA LYS A 359 -18.99 -8.83 -23.33
C LYS A 359 -20.35 -9.22 -22.79
N LYS A 360 -20.43 -9.48 -21.48
CA LYS A 360 -21.67 -9.92 -20.85
C LYS A 360 -22.12 -8.90 -19.81
N PRO A 361 -23.44 -8.75 -19.57
CA PRO A 361 -23.94 -7.72 -18.64
C PRO A 361 -23.49 -7.94 -17.20
N ASP A 362 -23.59 -9.19 -16.72
CA ASP A 362 -23.14 -9.53 -15.38
C ASP A 362 -21.74 -10.15 -15.44
N GLN A 363 -20.80 -9.39 -16.00
CA GLN A 363 -19.42 -9.83 -16.11
C GLN A 363 -18.69 -9.47 -14.81
N HIS A 364 -18.07 -10.48 -14.18
CA HIS A 364 -17.50 -10.32 -12.85
C HIS A 364 -15.98 -10.18 -12.87
N PHE A 365 -15.44 -9.65 -13.97
CA PHE A 365 -14.03 -9.31 -14.06
C PHE A 365 -13.82 -8.29 -15.16
N LYS A 366 -12.65 -7.65 -15.16
CA LYS A 366 -12.31 -6.65 -16.16
C LYS A 366 -10.87 -6.83 -16.64
N PRO A 367 -10.63 -6.87 -17.97
CA PRO A 367 -9.28 -6.95 -18.51
C PRO A 367 -8.56 -5.61 -18.44
N TYR A 368 -7.23 -5.68 -18.37
CA TYR A 368 -6.37 -4.51 -18.23
C TYR A 368 -5.02 -4.81 -18.84
N MET A 369 -4.39 -3.77 -19.42
CA MET A 369 -2.97 -3.82 -19.72
C MET A 369 -2.30 -3.33 -18.44
N LYS A 370 -1.21 -3.99 -18.05
CA LYS A 370 -0.57 -3.75 -16.76
C LYS A 370 -0.39 -2.26 -16.48
N GLN A 371 -0.01 -1.47 -17.50
CA GLN A 371 0.19 -0.05 -17.37
C GLN A 371 -1.11 0.73 -17.16
N HIS A 372 -2.23 0.17 -17.64
CA HIS A 372 -3.53 0.81 -17.51
C HIS A 372 -4.24 0.52 -16.19
N LEU A 373 -3.65 -0.37 -15.37
CA LEU A 373 -4.18 -0.65 -14.05
C LEU A 373 -4.14 0.59 -13.17
N PRO A 374 -5.05 0.72 -12.16
CA PRO A 374 -4.98 1.82 -11.22
C PRO A 374 -3.61 1.95 -10.56
N LYS A 375 -3.06 3.17 -10.54
CA LYS A 375 -1.69 3.40 -10.11
C LYS A 375 -1.51 3.11 -8.62
N ARG A 376 -2.60 3.23 -7.84
CA ARG A 376 -2.59 2.91 -6.43
C ARG A 376 -2.17 1.46 -6.18
N LEU A 377 -2.54 0.58 -7.11
CA LEU A 377 -1.98 -0.76 -7.16
C LEU A 377 -0.70 -0.65 -7.97
N HIS A 378 0.44 -0.57 -7.28
CA HIS A 378 1.71 -0.40 -7.97
C HIS A 378 2.16 -1.76 -8.52
N TYR A 379 1.44 -2.23 -9.54
CA TYR A 379 1.56 -3.59 -10.01
C TYR A 379 1.77 -3.59 -11.53
N ALA A 380 3.01 -3.28 -11.95
CA ALA A 380 3.35 -3.27 -13.37
C ALA A 380 4.86 -3.39 -13.61
N ASN A 381 5.65 -2.58 -12.90
CA ASN A 381 7.07 -2.50 -13.16
C ASN A 381 7.85 -3.75 -12.70
N ASN A 382 7.67 -4.84 -13.45
CA ASN A 382 8.42 -6.07 -13.25
C ASN A 382 8.14 -7.04 -14.40
N ARG A 383 9.20 -7.71 -14.87
CA ARG A 383 9.10 -8.63 -15.99
C ARG A 383 8.31 -9.91 -15.66
N ARG A 384 8.08 -10.16 -14.37
CA ARG A 384 7.25 -11.28 -13.93
C ARG A 384 5.76 -10.96 -14.09
N ILE A 385 5.41 -9.67 -13.99
CA ILE A 385 4.03 -9.24 -14.16
C ILE A 385 3.67 -9.22 -15.64
N GLU A 386 2.62 -9.97 -16.00
CA GLU A 386 2.20 -10.13 -17.38
C GLU A 386 1.50 -8.89 -17.91
N ASP A 387 1.66 -8.63 -19.22
CA ASP A 387 1.05 -7.50 -19.89
C ASP A 387 -0.47 -7.51 -19.69
N ILE A 388 -1.11 -8.61 -20.09
CA ILE A 388 -2.55 -8.77 -19.94
C ILE A 388 -2.86 -9.16 -18.50
N HIS A 389 -3.71 -8.37 -17.85
CA HIS A 389 -4.10 -8.61 -16.47
C HIS A 389 -5.62 -8.54 -16.32
N LEU A 390 -6.15 -9.39 -15.42
CA LEU A 390 -7.56 -9.43 -15.11
C LEU A 390 -7.79 -9.03 -13.66
N LEU A 391 -8.56 -7.96 -13.45
CA LEU A 391 -9.06 -7.61 -12.13
C LEU A 391 -10.42 -8.27 -11.94
N VAL A 392 -10.44 -9.33 -11.12
CA VAL A 392 -11.65 -10.10 -10.87
C VAL A 392 -12.45 -9.44 -9.75
N ASP A 393 -13.78 -9.44 -9.89
CA ASP A 393 -14.66 -8.87 -8.88
C ASP A 393 -14.56 -9.66 -7.58
N ARG A 394 -14.85 -9.00 -6.45
CA ARG A 394 -14.90 -9.66 -5.17
C ARG A 394 -15.96 -10.76 -5.21
N ARG A 395 -15.82 -11.72 -4.29
CA ARG A 395 -16.70 -12.88 -4.20
C ARG A 395 -16.64 -13.81 -5.41
N TRP A 396 -15.70 -13.56 -6.33
CA TRP A 396 -15.69 -14.25 -7.61
C TRP A 396 -14.33 -14.86 -7.95
N HIS A 397 -14.34 -15.70 -8.99
CA HIS A 397 -13.23 -16.57 -9.32
C HIS A 397 -13.11 -16.64 -10.84
N VAL A 398 -11.88 -16.75 -11.36
CA VAL A 398 -11.66 -16.88 -12.79
C VAL A 398 -10.82 -18.13 -13.08
N ALA A 399 -11.25 -18.89 -14.08
CA ALA A 399 -10.54 -20.08 -14.53
C ALA A 399 -10.40 -20.04 -16.05
N ARG A 400 -9.57 -20.93 -16.59
CA ARG A 400 -9.36 -21.05 -18.02
C ARG A 400 -10.42 -21.98 -18.63
N LYS A 401 -10.66 -23.12 -17.95
CA LYS A 401 -11.66 -24.08 -18.37
C LYS A 401 -12.42 -24.66 -17.18
N PRO A 402 -13.65 -25.20 -17.38
CA PRO A 402 -14.39 -25.87 -16.30
C PRO A 402 -14.02 -27.33 -16.10
N CYS A 413 -19.26 -28.64 -2.95
CA CYS A 413 -18.39 -27.48 -3.09
C CYS A 413 -17.35 -27.47 -1.97
N PHE A 414 -16.07 -27.71 -2.34
CA PHE A 414 -15.00 -27.89 -1.37
C PHE A 414 -14.69 -26.63 -0.57
N PHE A 415 -14.35 -25.53 -1.27
CA PHE A 415 -13.94 -24.30 -0.63
C PHE A 415 -15.06 -23.25 -0.61
N GLN A 416 -15.10 -22.45 0.47
CA GLN A 416 -16.11 -21.42 0.65
C GLN A 416 -15.53 -20.03 0.90
N GLY A 417 -14.23 -19.87 0.64
CA GLY A 417 -13.55 -18.60 0.88
C GLY A 417 -12.23 -18.47 0.12
N ASP A 418 -11.89 -17.24 -0.25
CA ASP A 418 -10.62 -16.96 -0.91
C ASP A 418 -10.27 -15.48 -0.83
N HIS A 419 -9.02 -15.17 -1.22
CA HIS A 419 -8.47 -13.83 -1.16
C HIS A 419 -7.58 -13.61 -2.39
N GLY A 420 -7.08 -12.37 -2.54
CA GLY A 420 -6.25 -12.02 -3.67
C GLY A 420 -6.75 -10.84 -4.51
N PHE A 421 -7.90 -10.28 -4.08
CA PHE A 421 -8.55 -9.21 -4.82
C PHE A 421 -7.84 -7.87 -4.67
N ASP A 422 -8.38 -6.86 -5.37
CA ASP A 422 -7.99 -5.47 -5.19
C ASP A 422 -7.80 -5.13 -3.71
N ASN A 423 -6.75 -4.35 -3.41
CA ASN A 423 -6.29 -4.16 -2.04
C ASN A 423 -7.08 -3.13 -1.24
N LYS A 424 -8.04 -2.45 -1.88
CA LYS A 424 -8.92 -1.54 -1.17
C LYS A 424 -10.27 -2.19 -0.86
N VAL A 425 -10.42 -3.46 -1.24
CA VAL A 425 -11.60 -4.23 -0.89
C VAL A 425 -11.66 -4.42 0.63
N ASN A 426 -12.86 -4.24 1.19
CA ASN A 426 -13.04 -4.21 2.63
C ASN A 426 -12.75 -5.57 3.27
N SER A 427 -13.14 -6.64 2.58
CA SER A 427 -12.88 -7.99 3.04
C SER A 427 -11.42 -8.38 3.04
N MET A 428 -10.60 -7.70 2.22
CA MET A 428 -9.19 -7.99 2.10
C MET A 428 -8.34 -7.28 3.16
N GLN A 429 -8.97 -6.43 3.98
CA GLN A 429 -8.25 -5.67 4.99
C GLN A 429 -7.85 -6.57 6.16
N THR A 430 -6.62 -6.36 6.66
CA THR A 430 -6.03 -7.18 7.71
C THR A 430 -5.79 -6.34 8.95
N VAL A 431 -5.09 -6.91 9.94
CA VAL A 431 -4.90 -6.27 11.24
C VAL A 431 -3.47 -5.80 11.49
N PHE A 432 -3.34 -4.87 12.44
CA PHE A 432 -2.06 -4.52 13.05
C PHE A 432 -2.28 -4.14 14.52
N VAL A 433 -1.46 -4.71 15.40
CA VAL A 433 -1.43 -4.32 16.80
C VAL A 433 0.03 -4.21 17.23
N GLY A 434 0.33 -3.19 18.03
CA GLY A 434 1.65 -3.01 18.62
C GLY A 434 1.56 -2.94 20.14
N TYR A 435 2.36 -3.78 20.81
CA TYR A 435 2.41 -3.82 22.27
C TYR A 435 3.86 -3.90 22.70
N GLY A 436 4.33 -2.84 23.39
CA GLY A 436 5.70 -2.82 23.89
C GLY A 436 6.11 -1.49 24.53
N PRO A 437 7.35 -1.42 25.08
CA PRO A 437 7.87 -0.17 25.64
C PRO A 437 7.84 1.01 24.67
N THR A 438 8.18 0.74 23.40
CA THR A 438 8.28 1.78 22.38
C THR A 438 6.92 2.22 21.84
N PHE A 439 5.93 1.33 21.95
CA PHE A 439 4.59 1.60 21.43
C PHE A 439 3.75 2.43 22.39
N LYS A 440 2.87 3.28 21.83
CA LYS A 440 1.95 4.09 22.61
C LYS A 440 1.03 3.22 23.46
N TYR A 441 0.66 3.74 24.63
CA TYR A 441 -0.18 3.02 25.59
C TYR A 441 -1.64 3.41 25.40
N ARG A 442 -2.52 2.41 25.33
CA ARG A 442 -3.95 2.63 25.17
C ARG A 442 -4.23 3.64 24.05
N THR A 443 -3.69 3.35 22.86
CA THR A 443 -3.72 4.31 21.77
C THR A 443 -4.32 3.69 20.50
N LYS A 444 -4.99 4.53 19.71
CA LYS A 444 -5.61 4.11 18.47
C LYS A 444 -5.12 5.01 17.34
N VAL A 445 -4.77 4.41 16.20
CA VAL A 445 -4.19 5.13 15.09
C VAL A 445 -5.01 4.92 13.82
N PRO A 446 -4.89 5.80 12.80
CA PRO A 446 -5.61 5.61 11.54
C PRO A 446 -5.11 4.38 10.79
N PRO A 447 -5.96 3.73 9.95
CA PRO A 447 -5.51 2.66 9.07
C PRO A 447 -4.36 3.09 8.16
N PHE A 448 -3.40 2.17 7.98
CA PHE A 448 -2.20 2.45 7.19
C PHE A 448 -1.85 1.24 6.33
N GLU A 449 -0.93 1.46 5.37
CA GLU A 449 -0.50 0.42 4.45
C GLU A 449 0.71 -0.34 5.01
N ASN A 450 0.78 -1.64 4.68
CA ASN A 450 1.83 -2.51 5.18
C ASN A 450 3.21 -2.19 4.62
N ILE A 451 3.26 -1.40 3.54
CA ILE A 451 4.51 -0.87 3.01
C ILE A 451 5.27 -0.01 4.02
N GLU A 452 4.55 0.49 5.03
CA GLU A 452 5.10 1.44 5.99
C GLU A 452 5.86 0.77 7.14
N LEU A 453 5.44 -0.44 7.53
CA LEU A 453 5.90 -1.05 8.78
C LEU A 453 7.37 -1.47 8.83
N TYR A 454 7.99 -1.66 7.66
CA TYR A 454 9.42 -1.96 7.58
C TYR A 454 10.27 -0.92 8.30
N ASN A 455 9.94 0.36 8.09
CA ASN A 455 10.65 1.47 8.72
C ASN A 455 10.45 1.49 10.24
N VAL A 456 9.20 1.29 10.67
CA VAL A 456 8.85 1.24 12.08
C VAL A 456 9.62 0.11 12.76
N MET A 457 9.59 -1.07 12.15
CA MET A 457 10.30 -2.24 12.66
C MET A 457 11.81 -2.00 12.68
N CYS A 458 12.31 -1.26 11.67
CA CYS A 458 13.70 -0.83 11.64
C CYS A 458 14.00 0.14 12.78
N ASP A 459 13.10 1.10 13.02
CA ASP A 459 13.27 2.07 14.09
C ASP A 459 13.18 1.37 15.45
N LEU A 460 12.26 0.42 15.58
CA LEU A 460 12.12 -0.37 16.80
C LEU A 460 13.39 -1.12 17.16
N LEU A 461 14.19 -1.49 16.15
CA LEU A 461 15.45 -2.21 16.35
C LEU A 461 16.68 -1.34 16.19
N GLY A 462 16.48 -0.04 15.94
CA GLY A 462 17.57 0.89 15.76
C GLY A 462 18.37 0.68 14.47
N LEU A 463 17.70 0.15 13.44
CA LEU A 463 18.32 -0.10 12.16
C LEU A 463 18.09 1.09 11.23
N LYS A 464 19.06 1.35 10.35
CA LYS A 464 18.84 2.25 9.23
C LYS A 464 18.12 1.46 8.13
N PRO A 465 16.84 1.76 7.83
CA PRO A 465 16.11 1.04 6.79
C PRO A 465 16.82 1.11 5.44
N ALA A 466 16.68 0.05 4.65
CA ALA A 466 17.14 0.05 3.27
C ALA A 466 16.11 0.82 2.44
N PRO A 467 16.50 1.39 1.27
CA PRO A 467 15.56 2.17 0.47
C PRO A 467 14.28 1.38 0.19
N ASN A 468 13.12 1.98 0.54
CA ASN A 468 11.85 1.29 0.39
C ASN A 468 10.69 2.26 0.10
N ASN A 469 9.48 1.70 0.01
CA ASN A 469 8.31 2.45 -0.42
C ASN A 469 7.39 2.84 0.75
N GLY A 470 7.97 2.94 1.94
CA GLY A 470 7.28 3.52 3.08
C GLY A 470 7.73 4.95 3.31
N THR A 471 6.76 5.85 3.54
CA THR A 471 7.06 7.23 3.89
C THR A 471 7.49 7.26 5.36
N HIS A 472 8.80 7.33 5.58
CA HIS A 472 9.41 7.01 6.87
C HIS A 472 8.81 7.73 8.08
N GLY A 473 8.33 8.96 7.90
CA GLY A 473 7.68 9.70 8.97
C GLY A 473 6.20 9.37 9.19
N SER A 474 5.59 8.67 8.22
CA SER A 474 4.16 8.41 8.22
C SER A 474 3.59 7.84 9.52
N LEU A 475 4.37 7.00 10.21
CA LEU A 475 3.90 6.28 11.38
C LEU A 475 4.74 6.52 12.63
N ASN A 476 5.08 7.78 12.89
CA ASN A 476 5.71 8.14 14.16
C ASN A 476 4.69 8.08 15.29
N HIS A 477 3.42 8.30 14.96
CA HIS A 477 2.35 8.34 15.96
C HIS A 477 2.04 6.97 16.57
N LEU A 478 2.53 5.89 15.94
CA LEU A 478 2.50 4.56 16.54
C LEU A 478 3.40 4.45 17.77
N LEU A 479 4.54 5.15 17.73
CA LEU A 479 5.57 5.03 18.75
C LEU A 479 5.45 6.16 19.78
N ARG A 480 5.97 5.91 20.99
CA ARG A 480 6.07 6.94 22.01
C ARG A 480 7.38 7.72 21.84
N THR A 481 8.41 7.04 21.31
CA THR A 481 9.68 7.65 20.99
C THR A 481 10.22 7.05 19.70
N ASN A 482 10.85 7.90 18.88
CA ASN A 482 11.43 7.49 17.61
CA ASN A 482 11.45 7.48 17.62
C ASN A 482 12.75 8.23 17.38
N THR A 483 13.72 7.54 16.78
CA THR A 483 15.04 8.09 16.50
C THR A 483 15.10 8.62 15.06
N PHE A 484 13.94 8.95 14.48
CA PHE A 484 13.86 9.49 13.14
C PHE A 484 12.88 10.68 13.09
N ARG A 485 13.43 11.89 13.09
CA ARG A 485 12.67 13.10 12.84
C ARG A 485 12.67 13.38 11.34
N PRO A 486 11.51 13.29 10.64
CA PRO A 486 11.46 13.51 9.20
C PRO A 486 11.71 14.96 8.81
N THR A 487 12.29 15.16 7.63
CA THR A 487 12.63 16.48 7.14
C THR A 487 12.01 16.72 5.76
N MET A 488 11.28 17.83 5.63
CA MET A 488 10.62 18.19 4.39
C MET A 488 11.68 18.53 3.34
N PRO A 489 11.64 17.91 2.14
CA PRO A 489 12.79 17.93 1.22
C PRO A 489 13.10 19.32 0.67
N ASP A 490 14.38 19.55 0.35
CA ASP A 490 14.82 20.81 -0.23
C ASP A 490 14.30 20.97 -1.65
N GLU A 491 13.91 22.20 -2.00
CA GLU A 491 13.44 22.50 -3.34
C GLU A 491 14.64 22.60 -4.27
N VAL A 492 14.51 22.02 -5.47
CA VAL A 492 15.59 22.03 -6.46
C VAL A 492 15.41 23.21 -7.41
N SER A 493 14.22 23.33 -8.00
CA SER A 493 13.93 24.39 -8.95
C SER A 493 13.08 25.50 -8.36
N ARG A 494 13.64 26.72 -8.34
CA ARG A 494 12.92 27.92 -7.95
C ARG A 494 12.07 28.42 -9.12
N PRO A 495 10.87 28.99 -8.87
CA PRO A 495 10.03 29.49 -9.95
C PRO A 495 10.38 30.89 -10.43
N ASN A 496 10.09 31.16 -11.70
CA ASN A 496 10.07 32.50 -12.24
C ASN A 496 8.69 33.11 -11.96
N TYR A 497 8.64 34.42 -11.72
CA TYR A 497 7.40 35.13 -11.51
C TYR A 497 7.21 36.20 -12.58
N PRO A 498 7.03 35.83 -13.86
CA PRO A 498 7.05 36.80 -14.96
C PRO A 498 5.80 37.67 -15.00
N GLY A 499 6.02 38.99 -15.12
CA GLY A 499 4.94 39.92 -15.41
C GLY A 499 4.64 39.94 -16.91
N ILE A 500 3.81 40.90 -17.33
CA ILE A 500 3.47 41.06 -18.74
C ILE A 500 4.70 41.58 -19.49
N MET A 501 5.31 40.72 -20.30
CA MET A 501 6.52 41.04 -21.04
C MET A 501 6.21 41.21 -22.53
N TYR A 502 5.57 40.18 -23.12
CA TYR A 502 5.25 40.17 -24.54
C TYR A 502 3.91 40.87 -24.79
N LEU A 503 3.67 41.20 -26.07
CA LEU A 503 2.48 41.94 -26.47
C LEU A 503 1.49 41.04 -27.19
N GLN A 504 0.20 41.41 -27.09
CA GLN A 504 -0.90 40.64 -27.66
C GLN A 504 -0.67 40.30 -29.13
N SER A 505 -0.14 41.26 -29.89
CA SER A 505 0.06 41.12 -31.32
C SER A 505 1.24 40.22 -31.71
N GLU A 506 2.12 39.91 -30.75
CA GLU A 506 3.32 39.14 -31.01
C GLU A 506 3.14 37.63 -31.13
N PHE A 507 1.91 37.14 -30.89
CA PHE A 507 1.62 35.72 -30.93
C PHE A 507 0.81 35.31 -32.16
N ASP A 508 1.27 34.26 -32.85
CA ASP A 508 0.51 33.61 -33.91
C ASP A 508 0.51 32.11 -33.64
N LEU A 509 -0.54 31.66 -32.95
CA LEU A 509 -0.63 30.28 -32.48
C LEU A 509 -1.69 29.48 -33.23
N GLY A 510 -2.33 30.12 -34.22
CA GLY A 510 -3.46 29.52 -34.91
C GLY A 510 -4.68 29.36 -33.99
N CYS A 511 -4.80 30.24 -33.00
CA CYS A 511 -5.82 30.14 -31.97
C CYS A 511 -6.68 31.39 -31.94
N THR A 512 -7.94 31.24 -32.36
CA THR A 512 -8.90 32.34 -32.37
C THR A 512 -9.64 32.44 -31.04
N CYS A 513 -10.43 33.51 -30.90
CA CYS A 513 -11.28 33.71 -29.73
C CYS A 513 -12.38 34.73 -30.04
N LEU A 526 -10.44 44.27 -20.12
CA LEU A 526 -10.00 45.36 -19.25
C LEU A 526 -8.50 45.63 -19.39
N ASN A 527 -8.08 46.80 -18.91
CA ASN A 527 -6.68 47.21 -19.00
C ASN A 527 -6.15 47.64 -17.64
N LYS A 528 -5.06 47.01 -17.19
CA LYS A 528 -4.55 47.22 -15.84
C LYS A 528 -3.21 46.57 -15.52
N ARG A 529 -2.73 46.86 -14.30
CA ARG A 529 -1.83 45.99 -13.56
C ARG A 529 -2.38 44.58 -13.42
N LEU A 530 -2.22 43.75 -14.47
CA LEU A 530 -2.92 42.49 -14.55
C LEU A 530 -2.02 41.32 -14.14
N HIS A 531 -2.65 40.22 -13.73
CA HIS A 531 -1.97 38.99 -13.38
C HIS A 531 -0.98 39.22 -12.24
N THR A 532 -1.49 39.79 -11.14
CA THR A 532 -0.70 40.09 -9.96
C THR A 532 -1.27 39.35 -8.75
N LYS A 533 -0.54 39.43 -7.62
CA LYS A 533 -0.86 38.70 -6.41
C LYS A 533 -2.03 39.37 -5.68
N GLY A 534 -2.39 38.84 -4.51
CA GLY A 534 -3.47 39.39 -3.71
C GLY A 534 -4.80 38.68 -3.98
N SER A 535 -5.33 38.02 -2.94
CA SER A 535 -6.53 37.19 -3.04
C SER A 535 -6.35 35.99 -3.96
N THR A 536 -5.10 35.71 -4.36
CA THR A 536 -4.78 34.66 -5.30
C THR A 536 -4.01 33.56 -4.60
N LYS A 537 -2.86 33.93 -4.03
CA LYS A 537 -1.98 32.97 -3.37
C LYS A 537 -2.47 32.66 -1.95
N GLU A 538 -3.50 33.38 -1.49
CA GLU A 538 -4.09 33.12 -0.18
C GLU A 538 -5.42 32.37 -0.27
N ARG A 539 -6.17 32.58 -1.36
CA ARG A 539 -7.45 31.91 -1.54
C ARG A 539 -7.36 30.65 -2.39
N HIS A 540 -6.29 30.53 -3.20
CA HIS A 540 -6.12 29.39 -4.09
C HIS A 540 -4.90 28.53 -3.79
N LEU A 541 -3.92 29.07 -3.06
CA LEU A 541 -2.88 28.26 -2.43
C LEU A 541 -3.10 28.29 -0.91
N LEU A 542 -3.93 27.36 -0.43
CA LEU A 542 -4.31 27.33 0.97
C LEU A 542 -3.31 26.57 1.84
N TYR A 543 -2.38 25.83 1.21
CA TYR A 543 -1.44 25.00 1.94
C TYR A 543 0.00 25.15 1.43
N GLY A 544 0.29 26.31 0.83
CA GLY A 544 1.63 26.61 0.37
C GLY A 544 1.91 26.16 -1.06
N ARG A 545 2.94 26.75 -1.66
CA ARG A 545 3.35 26.44 -3.03
C ARG A 545 4.08 25.10 -3.05
N PRO A 546 3.70 24.15 -3.93
CA PRO A 546 4.45 22.91 -4.10
C PRO A 546 5.91 23.14 -4.49
N ALA A 547 6.82 22.37 -3.88
CA ALA A 547 8.22 22.37 -4.27
C ALA A 547 8.42 21.36 -5.40
N VAL A 548 9.38 21.62 -6.29
CA VAL A 548 9.52 20.86 -7.51
C VAL A 548 10.37 19.60 -7.32
N LEU A 549 11.53 19.74 -6.67
CA LEU A 549 12.42 18.63 -6.36
C LEU A 549 13.13 18.04 -7.59
N TYR A 550 13.16 18.77 -8.70
CA TYR A 550 13.97 18.40 -9.85
C TYR A 550 14.26 19.60 -10.74
N ARG A 551 15.36 19.53 -11.48
CA ARG A 551 15.86 20.64 -12.28
C ARG A 551 15.02 20.87 -13.54
N THR A 552 14.19 21.93 -13.51
CA THR A 552 13.39 22.34 -14.65
C THR A 552 12.95 23.79 -14.48
N SER A 553 12.89 24.54 -15.59
CA SER A 553 12.45 25.93 -15.56
C SER A 553 10.93 26.02 -15.67
N TYR A 554 10.30 26.67 -14.69
CA TYR A 554 8.86 26.85 -14.68
C TYR A 554 8.45 28.19 -14.06
N ASP A 555 7.26 28.66 -14.45
CA ASP A 555 6.77 29.99 -14.07
C ASP A 555 5.54 29.90 -13.17
N ILE A 556 5.47 30.77 -12.16
CA ILE A 556 4.24 31.00 -11.43
C ILE A 556 3.38 31.95 -12.26
N LEU A 557 2.07 31.66 -12.31
CA LEU A 557 1.13 32.48 -13.05
C LEU A 557 -0.10 32.74 -12.17
N TYR A 558 -0.34 34.02 -11.86
CA TYR A 558 -1.45 34.43 -11.03
C TYR A 558 -2.69 34.77 -11.86
N HIS A 559 -3.86 34.40 -11.34
CA HIS A 559 -5.14 34.76 -11.93
C HIS A 559 -6.16 34.95 -10.81
N THR A 560 -7.35 35.43 -11.16
CA THR A 560 -8.40 35.68 -10.18
C THR A 560 -8.90 34.39 -9.54
N ASP A 561 -9.05 33.34 -10.36
CA ASP A 561 -9.69 32.11 -9.93
C ASP A 561 -8.72 30.95 -9.68
N PHE A 562 -7.49 31.06 -10.20
CA PHE A 562 -6.51 29.99 -10.05
C PHE A 562 -5.07 30.47 -10.12
N GLU A 563 -4.18 29.69 -9.49
CA GLU A 563 -2.75 29.85 -9.63
C GLU A 563 -2.19 28.58 -10.26
N SER A 564 -1.10 28.70 -11.04
CA SER A 564 -0.49 27.56 -11.70
C SER A 564 1.02 27.65 -11.74
N GLY A 565 1.66 26.48 -11.90
CA GLY A 565 3.10 26.36 -12.07
C GLY A 565 3.45 25.92 -13.48
N TYR A 566 3.47 26.87 -14.41
CA TYR A 566 3.63 26.58 -15.83
C TYR A 566 5.04 26.09 -16.17
N SER A 567 5.14 24.81 -16.57
CA SER A 567 6.39 24.25 -17.02
C SER A 567 6.73 24.74 -18.43
N GLU A 568 7.93 25.33 -18.58
CA GLU A 568 8.40 25.83 -19.86
C GLU A 568 8.87 24.71 -20.79
N ILE A 569 9.08 23.52 -20.22
CA ILE A 569 9.64 22.40 -20.96
C ILE A 569 8.53 21.56 -21.58
N PHE A 570 7.51 21.23 -20.78
CA PHE A 570 6.35 20.49 -21.25
C PHE A 570 5.30 21.39 -21.88
N LEU A 571 5.48 22.72 -21.76
CA LEU A 571 4.59 23.70 -22.34
C LEU A 571 3.18 23.60 -21.73
N MET A 572 3.13 23.28 -20.43
CA MET A 572 1.87 23.17 -19.71
C MET A 572 2.16 23.24 -18.21
N PRO A 573 1.14 23.43 -17.34
CA PRO A 573 1.35 23.45 -15.90
C PRO A 573 1.84 22.11 -15.35
N LEU A 574 2.77 22.18 -14.38
CA LEU A 574 3.08 21.06 -13.53
C LEU A 574 1.91 20.86 -12.58
N TRP A 575 1.35 21.98 -12.12
CA TRP A 575 0.22 21.99 -11.20
C TRP A 575 -0.67 23.21 -11.44
N THR A 576 -1.93 23.10 -11.02
CA THR A 576 -2.89 24.19 -11.08
C THR A 576 -3.72 24.15 -9.81
N SER A 577 -3.46 25.09 -8.90
CA SER A 577 -4.16 25.15 -7.62
C SER A 577 -5.29 26.18 -7.65
N TYR A 578 -6.46 25.79 -7.14
CA TYR A 578 -7.62 26.67 -7.10
C TYR A 578 -8.67 26.16 -6.11
N THR A 579 -9.48 27.10 -5.60
CA THR A 579 -10.43 26.81 -4.54
C THR A 579 -11.86 27.19 -4.95
N ILE A 580 -12.80 26.27 -4.68
CA ILE A 580 -14.21 26.51 -4.91
C ILE A 580 -14.94 26.49 -3.57
N SER A 581 -15.60 27.60 -3.23
CA SER A 581 -16.40 27.70 -2.02
C SER A 581 -17.66 26.82 -2.10
N LYS A 582 -18.25 26.55 -0.94
CA LYS A 582 -19.48 25.77 -0.86
C LYS A 582 -20.55 26.39 -1.75
N GLN A 583 -20.71 27.72 -1.65
CA GLN A 583 -21.77 28.43 -2.31
C GLN A 583 -21.40 28.96 -3.70
N ALA A 584 -20.15 28.72 -4.11
CA ALA A 584 -19.69 29.11 -5.44
C ALA A 584 -20.60 28.49 -6.51
N GLU A 585 -20.97 29.31 -7.51
CA GLU A 585 -21.93 28.92 -8.51
C GLU A 585 -21.24 28.44 -9.79
N VAL A 586 -21.99 27.69 -10.60
CA VAL A 586 -21.49 27.11 -11.83
C VAL A 586 -21.98 27.92 -13.03
N SER A 587 -21.12 28.05 -14.05
CA SER A 587 -21.44 28.80 -15.26
C SER A 587 -21.22 27.95 -16.51
N SER A 588 -22.00 28.24 -17.56
CA SER A 588 -21.91 27.54 -18.82
C SER A 588 -20.93 28.26 -19.76
N ILE A 589 -20.16 27.47 -20.53
CA ILE A 589 -19.29 28.02 -21.56
C ILE A 589 -20.16 28.42 -22.77
N PRO A 590 -20.15 29.71 -23.18
CA PRO A 590 -20.98 30.15 -24.30
C PRO A 590 -20.56 29.57 -25.65
N GLU A 591 -21.36 29.84 -26.69
CA GLU A 591 -21.09 29.36 -28.04
C GLU A 591 -19.85 30.03 -28.60
N HIS A 592 -19.80 31.36 -28.47
CA HIS A 592 -18.56 32.11 -28.54
C HIS A 592 -17.73 31.71 -27.31
N LEU A 593 -16.40 31.69 -27.46
CA LEU A 593 -15.50 31.21 -26.42
C LEU A 593 -15.59 29.70 -26.24
N THR A 594 -15.91 28.98 -27.32
CA THR A 594 -15.86 27.53 -27.33
C THR A 594 -14.52 27.06 -27.89
N ASN A 595 -14.05 27.73 -28.96
CA ASN A 595 -12.74 27.47 -29.54
C ASN A 595 -11.67 28.42 -29.01
N CYS A 596 -12.07 29.30 -28.07
CA CYS A 596 -11.20 30.36 -27.59
C CYS A 596 -9.99 29.80 -26.85
N VAL A 597 -8.80 30.03 -27.42
CA VAL A 597 -7.53 29.71 -26.79
C VAL A 597 -6.65 30.95 -26.86
N ARG A 598 -6.69 31.76 -25.79
CA ARG A 598 -5.98 33.03 -25.75
C ARG A 598 -4.49 32.84 -25.49
N PRO A 599 -3.60 33.66 -26.10
CA PRO A 599 -2.17 33.60 -25.78
C PRO A 599 -1.87 34.27 -24.44
N ASP A 600 -0.87 33.74 -23.73
CA ASP A 600 -0.48 34.29 -22.44
C ASP A 600 0.71 35.23 -22.63
N VAL A 601 0.46 36.53 -22.42
CA VAL A 601 1.45 37.57 -22.66
C VAL A 601 2.65 37.47 -21.72
N ARG A 602 2.46 36.86 -20.55
CA ARG A 602 3.54 36.65 -19.59
C ARG A 602 4.57 35.63 -20.09
N VAL A 603 4.12 34.70 -20.94
CA VAL A 603 4.96 33.63 -21.45
C VAL A 603 5.25 33.85 -22.93
N SER A 604 6.48 33.51 -23.34
CA SER A 604 6.91 33.72 -24.72
C SER A 604 6.23 32.74 -25.67
N PRO A 605 6.09 33.08 -26.97
CA PRO A 605 5.65 32.13 -27.98
C PRO A 605 6.50 30.87 -28.00
N GLY A 606 7.83 31.05 -27.82
CA GLY A 606 8.78 29.96 -27.80
C GLY A 606 8.46 28.87 -26.77
N PHE A 607 7.97 29.29 -25.60
CA PHE A 607 7.58 28.37 -24.53
C PHE A 607 6.06 28.32 -24.39
N SER A 608 5.38 28.01 -25.50
CA SER A 608 3.93 27.96 -25.54
C SER A 608 3.43 26.92 -26.54
N GLN A 609 2.17 26.51 -26.38
CA GLN A 609 1.52 25.58 -27.29
C GLN A 609 0.91 26.33 -28.48
N ASN A 610 0.48 25.58 -29.49
CA ASN A 610 -0.23 26.12 -30.64
C ASN A 610 -1.39 25.20 -31.00
N CYS A 611 -2.48 25.79 -31.52
CA CYS A 611 -3.66 25.03 -31.91
C CYS A 611 -3.41 24.27 -33.22
N LEU A 612 -2.46 24.77 -34.03
CA LEU A 612 -2.10 24.14 -35.30
C LEU A 612 -1.73 22.67 -35.14
N ALA A 613 -1.03 22.34 -34.04
CA ALA A 613 -0.66 20.96 -33.73
C ALA A 613 -1.87 20.08 -33.50
N TYR A 614 -2.90 20.62 -32.83
CA TYR A 614 -4.12 19.89 -32.54
C TYR A 614 -5.00 19.68 -33.77
N LYS A 615 -4.81 20.52 -34.80
CA LYS A 615 -5.48 20.35 -36.08
C LYS A 615 -4.81 19.26 -36.90
N ASN A 616 -3.47 19.23 -36.85
CA ASN A 616 -2.69 18.14 -37.44
C ASN A 616 -3.01 16.80 -36.77
N ASP A 617 -3.20 16.83 -35.46
CA ASP A 617 -3.52 15.65 -34.68
C ASP A 617 -5.02 15.40 -34.67
N LYS A 618 -5.48 14.47 -35.52
CA LYS A 618 -6.89 14.18 -35.67
C LYS A 618 -7.46 13.47 -34.43
N GLN A 619 -6.64 12.62 -33.81
CA GLN A 619 -7.07 11.84 -32.66
C GLN A 619 -7.08 12.68 -31.38
N MET A 620 -6.13 13.61 -31.27
CA MET A 620 -5.95 14.40 -30.05
C MET A 620 -6.78 15.67 -30.09
N SER A 621 -7.24 16.09 -28.90
CA SER A 621 -7.93 17.37 -28.73
C SER A 621 -7.29 18.07 -27.52
N TYR A 622 -8.04 18.98 -26.88
CA TYR A 622 -7.53 19.68 -25.70
C TYR A 622 -8.63 20.02 -24.69
N GLY A 623 -8.23 20.09 -23.41
CA GLY A 623 -9.07 20.56 -22.33
C GLY A 623 -8.29 21.48 -21.40
N PHE A 624 -8.94 21.96 -20.34
CA PHE A 624 -8.34 22.92 -19.43
C PHE A 624 -8.20 22.37 -18.00
N LEU A 625 -7.08 22.69 -17.35
CA LEU A 625 -6.81 22.25 -15.99
C LEU A 625 -7.71 22.97 -15.00
N PHE A 626 -7.71 24.32 -15.06
CA PHE A 626 -8.69 25.10 -14.33
C PHE A 626 -9.99 25.16 -15.14
N PRO A 627 -11.15 24.81 -14.55
CA PRO A 627 -12.42 24.82 -15.28
C PRO A 627 -12.95 26.23 -15.58
N PRO A 628 -13.23 26.57 -16.86
CA PRO A 628 -14.02 27.76 -17.19
C PRO A 628 -15.46 27.67 -16.67
N TYR A 629 -15.87 26.46 -16.27
CA TYR A 629 -17.19 26.24 -15.69
C TYR A 629 -17.37 26.88 -14.33
N LEU A 630 -16.26 27.06 -13.59
CA LEU A 630 -16.31 27.53 -12.21
C LEU A 630 -15.62 28.88 -12.01
N SER A 631 -15.59 29.71 -13.07
CA SER A 631 -15.06 31.06 -12.97
C SER A 631 -15.92 31.94 -12.06
N SER A 632 -15.29 32.97 -11.49
CA SER A 632 -15.96 33.88 -10.57
C SER A 632 -16.90 34.84 -11.30
N SER A 633 -16.35 35.51 -12.32
CA SER A 633 -17.08 36.46 -13.14
C SER A 633 -17.04 36.03 -14.60
N PRO A 634 -17.85 36.63 -15.50
CA PRO A 634 -17.70 36.41 -16.95
C PRO A 634 -16.41 37.01 -17.51
N GLU A 635 -15.88 38.02 -16.80
CA GLU A 635 -14.59 38.60 -17.14
C GLU A 635 -13.45 37.64 -16.83
N ALA A 636 -13.51 37.01 -15.65
CA ALA A 636 -12.47 36.10 -15.18
C ALA A 636 -12.43 34.78 -15.94
N LYS A 637 -13.56 34.42 -16.58
CA LYS A 637 -13.64 33.21 -17.39
C LYS A 637 -12.67 33.23 -18.56
N TYR A 638 -12.24 34.43 -18.97
CA TYR A 638 -11.27 34.57 -20.05
C TYR A 638 -9.90 34.03 -19.68
N ASP A 639 -9.55 34.11 -18.39
CA ASP A 639 -8.31 33.53 -17.89
C ASP A 639 -8.28 32.01 -18.04
N ALA A 640 -9.44 31.38 -17.84
CA ALA A 640 -9.59 29.94 -17.99
C ALA A 640 -9.32 29.45 -19.41
N PHE A 641 -9.37 30.37 -20.39
CA PHE A 641 -9.11 30.04 -21.78
C PHE A 641 -7.71 30.42 -22.25
N LEU A 642 -6.82 30.77 -21.31
CA LEU A 642 -5.43 31.04 -21.65
C LEU A 642 -4.74 29.77 -22.15
N VAL A 643 -3.72 29.96 -23.00
CA VAL A 643 -2.95 28.86 -23.56
C VAL A 643 -2.15 28.15 -22.47
N THR A 644 -1.82 28.90 -21.42
CA THR A 644 -1.10 28.35 -20.28
C THR A 644 -1.95 27.40 -19.43
N ASN A 645 -3.28 27.42 -19.61
CA ASN A 645 -4.20 26.58 -18.85
C ASN A 645 -4.71 25.38 -19.63
N MET A 646 -4.08 25.10 -20.78
CA MET A 646 -4.60 24.12 -21.73
C MET A 646 -3.66 22.92 -21.82
N VAL A 647 -4.23 21.71 -21.96
CA VAL A 647 -3.48 20.47 -21.98
C VAL A 647 -4.03 19.50 -23.01
N PRO A 648 -3.20 18.59 -23.59
CA PRO A 648 -3.69 17.62 -24.58
C PRO A 648 -4.61 16.57 -23.97
N MET A 649 -5.79 16.42 -24.58
CA MET A 649 -6.82 15.51 -24.10
C MET A 649 -7.54 14.84 -25.26
N TYR A 650 -7.65 13.50 -25.20
CA TYR A 650 -8.48 12.76 -26.13
C TYR A 650 -9.93 13.16 -25.92
N PRO A 651 -10.75 13.26 -27.00
CA PRO A 651 -12.19 13.50 -26.86
C PRO A 651 -12.84 12.54 -25.86
N ALA A 652 -12.41 11.27 -25.90
CA ALA A 652 -12.88 10.25 -24.98
C ALA A 652 -12.70 10.68 -23.52
N PHE A 653 -11.48 11.17 -23.20
CA PHE A 653 -11.15 11.59 -21.85
C PHE A 653 -11.84 12.90 -21.46
N LYS A 654 -12.09 13.77 -22.45
CA LYS A 654 -12.77 15.03 -22.21
C LYS A 654 -14.18 14.80 -21.66
N ARG A 655 -14.79 13.68 -22.02
CA ARG A 655 -16.06 13.26 -21.44
C ARG A 655 -15.93 13.07 -19.93
N VAL A 656 -14.85 12.40 -19.52
CA VAL A 656 -14.56 12.15 -18.12
C VAL A 656 -14.25 13.47 -17.43
N TRP A 657 -13.24 14.18 -17.95
CA TRP A 657 -12.71 15.39 -17.34
C TRP A 657 -13.74 16.51 -17.21
N ALA A 658 -14.52 16.73 -18.28
CA ALA A 658 -15.53 17.78 -18.31
C ALA A 658 -16.58 17.56 -17.22
N TYR A 659 -16.98 16.30 -17.01
CA TYR A 659 -17.95 15.95 -15.98
C TYR A 659 -17.40 16.25 -14.58
N PHE A 660 -16.16 15.81 -14.34
CA PHE A 660 -15.46 16.10 -13.09
C PHE A 660 -15.50 17.60 -12.79
N GLN A 661 -15.05 18.39 -13.78
CA GLN A 661 -14.94 19.84 -13.61
C GLN A 661 -16.28 20.55 -13.46
N ARG A 662 -17.24 20.20 -14.33
CA ARG A 662 -18.51 20.92 -14.39
C ARG A 662 -19.47 20.54 -13.27
N VAL A 663 -19.39 19.29 -12.80
CA VAL A 663 -20.38 18.76 -11.88
C VAL A 663 -19.79 18.38 -10.52
N LEU A 664 -18.80 17.48 -10.53
CA LEU A 664 -18.34 16.82 -9.32
C LEU A 664 -17.60 17.75 -8.36
N VAL A 665 -16.75 18.62 -8.91
CA VAL A 665 -16.04 19.60 -8.11
C VAL A 665 -17.01 20.45 -7.30
N LYS A 666 -18.15 20.81 -7.93
CA LYS A 666 -19.19 21.57 -7.25
C LYS A 666 -19.90 20.73 -6.20
N LYS A 667 -20.10 19.44 -6.48
CA LYS A 667 -20.72 18.53 -5.53
C LYS A 667 -19.82 18.33 -4.31
N TYR A 668 -18.54 18.10 -4.56
CA TYR A 668 -17.55 17.95 -3.50
C TYR A 668 -17.49 19.22 -2.65
N ALA A 669 -17.47 20.38 -3.33
CA ALA A 669 -17.46 21.67 -2.67
C ALA A 669 -18.67 21.87 -1.76
N SER A 670 -19.83 21.34 -2.20
CA SER A 670 -21.06 21.43 -1.42
C SER A 670 -21.04 20.52 -0.20
N GLU A 671 -20.57 19.28 -0.39
CA GLU A 671 -20.52 18.29 0.67
C GLU A 671 -19.46 18.63 1.72
N ARG A 672 -18.31 19.15 1.25
CA ARG A 672 -17.13 19.32 2.09
C ARG A 672 -16.90 20.75 2.59
N ASN A 673 -17.89 21.63 2.39
CA ASN A 673 -17.78 23.05 2.74
C ASN A 673 -16.54 23.64 2.09
N GLY A 674 -16.56 23.68 0.75
CA GLY A 674 -15.43 24.16 -0.03
C GLY A 674 -14.34 23.10 -0.23
N VAL A 675 -13.59 23.23 -1.33
CA VAL A 675 -12.48 22.35 -1.62
C VAL A 675 -11.36 23.13 -2.31
N ASN A 676 -10.12 22.81 -1.96
CA ASN A 676 -8.96 23.25 -2.72
C ASN A 676 -8.57 22.13 -3.69
N VAL A 677 -8.36 22.51 -4.96
CA VAL A 677 -8.07 21.56 -6.02
C VAL A 677 -6.69 21.87 -6.60
N ILE A 678 -5.84 20.84 -6.69
CA ILE A 678 -4.56 20.95 -7.36
C ILE A 678 -4.53 19.86 -8.42
N SER A 679 -4.87 20.24 -9.66
CA SER A 679 -4.87 19.32 -10.79
C SER A 679 -3.58 19.48 -11.58
N GLY A 680 -3.27 18.48 -12.40
CA GLY A 680 -2.10 18.54 -13.26
C GLY A 680 -1.85 17.28 -14.08
N PRO A 681 -0.89 17.32 -15.03
CA PRO A 681 -0.57 16.17 -15.87
C PRO A 681 0.52 15.29 -15.26
N ILE A 682 0.43 13.98 -15.54
CA ILE A 682 1.47 13.02 -15.17
C ILE A 682 1.99 12.32 -16.42
N PHE A 683 3.30 12.04 -16.41
CA PHE A 683 3.97 11.36 -17.50
C PHE A 683 4.66 10.11 -16.95
N ASP A 684 4.13 8.93 -17.32
CA ASP A 684 4.72 7.67 -16.91
C ASP A 684 4.58 6.63 -18.02
N TYR A 685 5.49 6.70 -19.00
CA TYR A 685 5.47 5.84 -20.16
C TYR A 685 6.29 4.56 -19.99
N ASN A 686 6.85 4.37 -18.79
CA ASN A 686 7.51 3.12 -18.45
C ASN A 686 6.89 2.48 -17.20
N TYR A 687 5.69 2.95 -16.84
CA TYR A 687 4.91 2.42 -15.73
C TYR A 687 5.72 2.01 -14.49
N ASP A 688 6.67 2.87 -14.10
CA ASP A 688 7.47 2.64 -12.90
C ASP A 688 6.95 3.44 -11.71
N GLY A 689 5.84 4.16 -11.90
CA GLY A 689 5.23 4.94 -10.84
C GLY A 689 6.00 6.20 -10.47
N LEU A 690 6.98 6.55 -11.31
CA LEU A 690 7.88 7.67 -11.06
C LEU A 690 7.86 8.63 -12.24
N ARG A 691 8.28 9.87 -11.98
CA ARG A 691 8.29 10.94 -12.98
C ARG A 691 9.12 10.57 -14.20
N ASP A 692 8.58 10.88 -15.39
CA ASP A 692 9.29 10.64 -16.64
C ASP A 692 10.31 11.74 -16.95
N THR A 693 11.49 11.32 -17.40
CA THR A 693 12.48 12.23 -17.97
C THR A 693 12.11 12.51 -19.43
N GLU A 694 12.81 13.48 -20.04
CA GLU A 694 12.48 13.97 -21.37
C GLU A 694 12.52 12.86 -22.42
N ASP A 695 13.53 11.99 -22.33
CA ASP A 695 13.74 10.91 -23.29
C ASP A 695 12.66 9.83 -23.20
N GLU A 696 12.16 9.60 -21.98
CA GLU A 696 11.19 8.55 -21.71
C GLU A 696 9.81 8.83 -22.32
N ILE A 697 9.51 10.11 -22.61
CA ILE A 697 8.27 10.49 -23.24
C ILE A 697 8.19 9.82 -24.62
N LYS A 698 7.00 9.34 -24.98
CA LYS A 698 6.81 8.59 -26.21
C LYS A 698 5.87 9.31 -27.18
N GLN A 699 4.72 9.79 -26.67
CA GLN A 699 3.76 10.49 -27.50
C GLN A 699 3.90 12.01 -27.36
N TYR A 700 4.14 12.67 -28.50
CA TYR A 700 3.95 14.10 -28.64
C TYR A 700 2.78 14.32 -29.59
N VAL A 701 2.22 15.54 -29.55
CA VAL A 701 1.14 15.92 -30.45
C VAL A 701 1.74 16.13 -31.84
N GLU A 702 0.96 15.78 -32.88
CA GLU A 702 1.44 15.79 -34.26
C GLU A 702 2.12 17.11 -34.64
N GLY A 703 3.36 17.00 -35.11
CA GLY A 703 4.12 18.15 -35.58
C GLY A 703 4.47 19.15 -34.49
N SER A 704 4.82 18.65 -33.30
CA SER A 704 5.16 19.48 -32.17
C SER A 704 5.95 18.71 -31.12
N SER A 705 6.41 19.43 -30.10
CA SER A 705 6.96 18.83 -28.89
C SER A 705 6.08 19.18 -27.70
N ILE A 706 4.77 19.00 -27.86
CA ILE A 706 3.82 19.04 -26.77
C ILE A 706 3.57 17.59 -26.34
N PRO A 707 4.06 17.15 -25.17
CA PRO A 707 3.95 15.75 -24.76
C PRO A 707 2.55 15.36 -24.30
N VAL A 708 2.13 14.15 -24.66
CA VAL A 708 0.83 13.63 -24.26
C VAL A 708 0.98 13.01 -22.87
N PRO A 709 0.24 13.49 -21.84
CA PRO A 709 0.24 12.84 -20.53
C PRO A 709 -0.42 11.46 -20.55
N THR A 710 0.02 10.58 -19.64
CA THR A 710 -0.55 9.25 -19.48
C THR A 710 -1.70 9.28 -18.49
N HIS A 711 -1.63 10.19 -17.51
CA HIS A 711 -2.66 10.34 -16.50
C HIS A 711 -2.87 11.82 -16.16
N TYR A 712 -4.01 12.11 -15.54
CA TYR A 712 -4.32 13.44 -15.04
C TYR A 712 -4.76 13.34 -13.57
N TYR A 713 -4.03 14.02 -12.69
CA TYR A 713 -4.29 13.94 -11.26
C TYR A 713 -5.07 15.14 -10.74
N SER A 714 -5.57 15.01 -9.51
CA SER A 714 -6.13 16.13 -8.77
C SER A 714 -6.12 15.81 -7.28
N ILE A 715 -5.69 16.78 -6.48
CA ILE A 715 -5.66 16.65 -5.03
C ILE A 715 -6.73 17.58 -4.46
N ILE A 716 -7.85 16.98 -4.02
CA ILE A 716 -8.98 17.74 -3.52
C ILE A 716 -8.96 17.77 -1.99
N THR A 717 -8.46 18.89 -1.45
CA THR A 717 -8.27 19.06 -0.02
C THR A 717 -9.36 19.96 0.57
N SER A 718 -9.69 19.72 1.84
CA SER A 718 -10.62 20.55 2.58
C SER A 718 -10.40 20.34 4.08
N CYS A 719 -11.24 20.98 4.89
CA CYS A 719 -11.11 20.93 6.34
C CYS A 719 -11.81 19.70 6.90
N LEU A 720 -11.08 18.90 7.68
CA LEU A 720 -11.66 17.73 8.33
C LEU A 720 -12.75 18.19 9.30
N ASP A 721 -12.49 19.29 10.00
CA ASP A 721 -13.52 20.02 10.71
C ASP A 721 -14.36 20.77 9.68
N PHE A 722 -15.41 20.11 9.20
CA PHE A 722 -16.24 20.63 8.11
C PHE A 722 -17.10 21.83 8.50
N THR A 723 -17.19 22.11 9.81
CA THR A 723 -17.91 23.29 10.30
C THR A 723 -17.15 24.57 10.00
N GLN A 724 -15.87 24.43 9.61
CA GLN A 724 -15.07 25.53 9.11
C GLN A 724 -14.90 25.42 7.60
N PRO A 725 -14.96 26.55 6.86
CA PRO A 725 -14.61 26.57 5.43
C PRO A 725 -13.23 25.96 5.16
N ALA A 726 -13.02 25.55 3.90
CA ALA A 726 -11.74 24.99 3.48
C ALA A 726 -10.62 26.04 3.50
N ASP A 727 -10.99 27.31 3.30
CA ASP A 727 -10.02 28.40 3.26
C ASP A 727 -9.88 29.13 4.60
N LYS A 728 -10.59 28.64 5.64
CA LYS A 728 -10.47 29.17 6.98
C LYS A 728 -10.33 28.02 7.99
N CYS A 729 -9.47 27.05 7.64
CA CYS A 729 -9.31 25.84 8.43
C CYS A 729 -8.11 25.95 9.38
N ASP A 730 -8.39 25.92 10.69
CA ASP A 730 -7.34 25.98 11.70
C ASP A 730 -6.71 24.61 11.94
N GLY A 731 -7.57 23.58 12.03
CA GLY A 731 -7.16 22.25 12.46
C GLY A 731 -6.72 21.33 11.32
N PRO A 732 -6.74 19.99 11.54
CA PRO A 732 -6.30 19.02 10.54
C PRO A 732 -7.02 19.13 9.19
N LEU A 733 -6.36 18.61 8.16
CA LEU A 733 -6.88 18.63 6.80
C LEU A 733 -7.58 17.32 6.47
N SER A 734 -8.29 17.31 5.33
CA SER A 734 -8.94 16.12 4.82
C SER A 734 -8.77 16.09 3.30
N VAL A 735 -8.11 15.04 2.79
CA VAL A 735 -7.74 14.97 1.39
C VAL A 735 -8.46 13.83 0.67
N SER A 736 -8.79 14.07 -0.60
CA SER A 736 -9.25 13.04 -1.51
C SER A 736 -8.58 13.30 -2.86
N SER A 737 -7.89 12.29 -3.39
CA SER A 737 -7.13 12.44 -4.63
C SER A 737 -7.43 11.32 -5.62
N PHE A 738 -6.93 11.49 -6.84
CA PHE A 738 -7.07 10.47 -7.89
C PHE A 738 -6.04 10.68 -9.00
N ILE A 739 -5.77 9.59 -9.74
CA ILE A 739 -4.91 9.61 -10.90
C ILE A 739 -5.68 8.95 -12.04
N LEU A 740 -6.41 9.75 -12.81
CA LEU A 740 -7.20 9.25 -13.92
C LEU A 740 -6.32 8.92 -15.12
N PRO A 741 -6.47 7.71 -15.73
CA PRO A 741 -5.73 7.38 -16.95
C PRO A 741 -6.28 8.13 -18.16
N HIS A 742 -5.37 8.80 -18.89
CA HIS A 742 -5.71 9.55 -20.09
C HIS A 742 -5.89 8.61 -21.27
N ARG A 743 -7.07 7.98 -21.34
CA ARG A 743 -7.36 6.97 -22.36
C ARG A 743 -8.00 7.57 -23.61
N PRO A 744 -7.66 7.07 -24.81
CA PRO A 744 -8.34 7.49 -26.04
C PRO A 744 -9.73 6.88 -26.21
N ASP A 745 -10.17 6.11 -25.21
CA ASP A 745 -11.51 5.53 -25.21
C ASP A 745 -12.00 5.33 -23.77
N ASN A 746 -13.22 4.80 -23.64
CA ASN A 746 -13.75 4.42 -22.34
C ASN A 746 -14.18 2.95 -22.38
N ASP A 747 -13.34 2.11 -23.00
CA ASP A 747 -13.54 0.68 -23.02
C ASP A 747 -13.53 0.13 -21.59
N GLU A 748 -12.69 0.73 -20.74
CA GLU A 748 -12.64 0.40 -19.33
C GLU A 748 -14.03 0.52 -18.70
N SER A 749 -14.65 1.68 -18.89
CA SER A 749 -15.98 1.94 -18.34
C SER A 749 -17.06 1.35 -19.24
N CYS A 750 -17.68 0.24 -18.80
CA CYS A 750 -18.58 -0.53 -19.64
C CYS A 750 -19.84 0.24 -20.03
N ASN A 751 -20.38 1.02 -19.10
CA ASN A 751 -21.56 1.81 -19.36
C ASN A 751 -21.22 3.26 -19.75
N SER A 752 -20.11 3.43 -20.48
CA SER A 752 -19.67 4.74 -20.92
C SER A 752 -20.52 5.28 -22.07
N SER A 753 -21.30 4.38 -22.69
CA SER A 753 -22.31 4.76 -23.67
C SER A 753 -23.48 5.52 -23.05
N GLU A 754 -23.66 5.37 -21.73
CA GLU A 754 -24.69 6.09 -21.00
C GLU A 754 -24.22 7.49 -20.62
N ASP A 755 -25.10 8.24 -19.95
CA ASP A 755 -24.76 9.54 -19.40
C ASP A 755 -23.60 9.42 -18.40
N GLU A 756 -22.74 10.44 -18.36
CA GLU A 756 -21.60 10.44 -17.47
C GLU A 756 -21.99 10.31 -15.99
N SER A 757 -23.21 10.74 -15.67
CA SER A 757 -23.76 10.56 -14.33
C SER A 757 -23.90 9.10 -13.90
N LYS A 758 -23.71 8.16 -14.84
CA LYS A 758 -23.86 6.75 -14.56
C LYS A 758 -22.54 6.00 -14.40
N TRP A 759 -21.45 6.53 -14.99
CA TRP A 759 -20.17 5.85 -14.96
C TRP A 759 -19.01 6.67 -14.40
N VAL A 760 -18.86 7.91 -14.84
CA VAL A 760 -17.64 8.68 -14.61
C VAL A 760 -17.14 8.67 -13.17
N GLU A 761 -18.05 8.81 -12.19
CA GLU A 761 -17.64 8.90 -10.80
C GLU A 761 -17.08 7.56 -10.31
N GLU A 762 -17.68 6.44 -10.77
CA GLU A 762 -17.16 5.12 -10.45
C GLU A 762 -15.75 4.93 -10.99
N LEU A 763 -15.50 5.41 -12.22
CA LEU A 763 -14.18 5.33 -12.83
C LEU A 763 -13.15 6.10 -12.00
N MET A 764 -13.56 7.25 -11.46
CA MET A 764 -12.70 8.07 -10.61
C MET A 764 -12.36 7.36 -9.31
N LYS A 765 -13.39 6.75 -8.70
CA LYS A 765 -13.23 6.04 -7.44
C LYS A 765 -12.34 4.80 -7.56
N MET A 766 -12.30 4.22 -8.76
CA MET A 766 -11.45 3.08 -9.04
C MET A 766 -9.98 3.50 -9.13
N HIS A 767 -9.75 4.73 -9.58
CA HIS A 767 -8.40 5.29 -9.68
C HIS A 767 -8.16 6.37 -8.64
N THR A 768 -8.62 6.13 -7.41
CA THR A 768 -8.27 6.95 -6.26
C THR A 768 -6.76 6.85 -6.05
N ALA A 769 -6.21 7.77 -5.26
CA ALA A 769 -4.77 7.83 -5.05
C ALA A 769 -4.39 8.52 -3.75
N ARG A 770 -3.21 8.16 -3.24
CA ARG A 770 -2.58 8.88 -2.16
C ARG A 770 -1.85 10.07 -2.80
N VAL A 771 -1.85 11.21 -2.10
CA VAL A 771 -1.07 12.36 -2.53
C VAL A 771 0.36 11.91 -2.80
N ARG A 772 0.86 11.01 -1.95
CA ARG A 772 2.20 10.46 -2.08
C ARG A 772 2.42 9.80 -3.45
N ASP A 773 1.40 9.10 -3.95
CA ASP A 773 1.47 8.47 -5.26
C ASP A 773 1.66 9.50 -6.37
N ILE A 774 0.95 10.63 -6.25
CA ILE A 774 1.05 11.73 -7.19
C ILE A 774 2.42 12.41 -7.11
N GLU A 775 2.95 12.51 -5.89
CA GLU A 775 4.28 13.09 -5.67
C GLU A 775 5.37 12.30 -6.37
N HIS A 776 5.35 10.97 -6.21
CA HIS A 776 6.27 10.09 -6.90
C HIS A 776 6.27 10.34 -8.41
N LEU A 777 5.07 10.50 -8.97
CA LEU A 777 4.87 10.63 -10.40
C LEU A 777 5.22 12.02 -10.94
N THR A 778 4.83 13.07 -10.19
CA THR A 778 5.03 14.44 -10.62
C THR A 778 6.42 14.98 -10.29
N GLY A 779 7.00 14.46 -9.20
CA GLY A 779 8.21 15.01 -8.64
C GLY A 779 7.94 16.16 -7.65
N LEU A 780 6.68 16.58 -7.57
CA LEU A 780 6.29 17.71 -6.73
C LEU A 780 6.21 17.31 -5.27
N ASP A 781 6.06 18.32 -4.40
CA ASP A 781 5.92 18.10 -2.97
C ASP A 781 4.88 19.06 -2.40
N PHE A 782 3.82 18.50 -1.80
CA PHE A 782 2.66 19.28 -1.39
C PHE A 782 2.63 19.53 0.11
N TYR A 783 1.74 20.43 0.53
CA TYR A 783 1.52 20.77 1.93
C TYR A 783 2.79 21.30 2.59
N ARG A 784 3.44 22.26 1.93
CA ARG A 784 4.70 22.82 2.37
C ARG A 784 4.50 23.90 3.45
N LYS A 785 3.31 24.52 3.46
CA LYS A 785 2.97 25.55 4.42
C LYS A 785 1.64 25.22 5.10
N THR A 786 1.72 24.63 6.30
CA THR A 786 0.55 24.30 7.08
C THR A 786 0.78 24.62 8.56
N SER A 787 -0.33 24.72 9.31
CA SER A 787 -0.27 24.91 10.75
C SER A 787 -0.17 23.55 11.45
N ARG A 788 0.41 22.57 10.74
CA ARG A 788 0.33 21.17 11.12
C ARG A 788 1.74 20.60 11.17
N SER A 789 1.93 19.60 12.04
CA SER A 789 3.22 18.94 12.17
C SER A 789 3.53 18.18 10.87
N TYR A 790 4.82 18.01 10.58
CA TYR A 790 5.25 17.38 9.35
C TYR A 790 4.91 15.89 9.35
N SER A 791 5.01 15.26 10.54
CA SER A 791 4.62 13.87 10.70
C SER A 791 3.14 13.65 10.35
N GLU A 792 2.28 14.61 10.75
CA GLU A 792 0.86 14.55 10.43
C GLU A 792 0.61 14.74 8.94
N ILE A 793 1.38 15.63 8.31
CA ILE A 793 1.29 15.87 6.88
C ILE A 793 1.66 14.62 6.08
N LEU A 794 2.72 13.93 6.52
CA LEU A 794 3.12 12.66 5.94
C LEU A 794 2.03 11.61 6.11
N THR A 795 1.33 11.66 7.26
CA THR A 795 0.18 10.79 7.51
C THR A 795 -0.94 11.11 6.53
N LEU A 796 -1.20 12.41 6.31
CA LEU A 796 -2.21 12.85 5.36
C LEU A 796 -1.86 12.46 3.92
N LYS A 797 -0.56 12.53 3.60
CA LYS A 797 -0.11 12.26 2.24
C LYS A 797 -0.09 10.78 1.88
N THR A 798 -0.08 9.91 2.90
CA THR A 798 -0.15 8.47 2.69
C THR A 798 -1.57 7.93 2.80
N TYR A 799 -2.54 8.79 3.10
CA TYR A 799 -3.95 8.41 3.14
C TYR A 799 -4.49 8.05 1.76
N LEU A 800 -5.42 7.09 1.75
CA LEU A 800 -6.09 6.66 0.53
C LEU A 800 -7.59 6.64 0.78
N HIS A 801 -8.33 7.38 -0.05
CA HIS A 801 -9.78 7.47 0.07
C HIS A 801 -10.39 6.29 -0.69
N THR A 802 -11.21 5.49 0.01
CA THR A 802 -11.66 4.21 -0.52
C THR A 802 -13.15 4.11 -0.86
N TYR A 803 -13.94 5.11 -0.47
CA TYR A 803 -15.35 5.17 -0.82
C TYR A 803 -16.07 3.85 -0.51
N GLU A 804 -15.68 3.22 0.59
CA GLU A 804 -16.08 1.84 0.85
C GLU A 804 -17.33 1.80 1.74
#